data_8IY9
#
_entry.id   8IY9
#
loop_
_entity.id
_entity.type
_entity.pdbx_description
1 polymer 'Guanine nucleotide-binding protein G(o) subunit alpha'
2 polymer 'Guanine nucleotide-binding protein G(I)/G(S)/G(T) subunit beta-1'
3 polymer 'Guanine nucleotide-binding protein G(I)/G(S)/G(O) subunit gamma-2'
4 polymer 'ScFv16 (Antibody Fragment)'
5 polymer 'Hydroxycarboxylic acid receptor 2'
6 non-polymer 'NICOTINIC ACID'
#
loop_
_entity_poly.entity_id
_entity_poly.type
_entity_poly.pdbx_seq_one_letter_code
_entity_poly.pdbx_strand_id
1 'polypeptide(L)'
;MGHHHHHHENLYFQGTLSAEERAALERSKAIEKNLKEDGISAAKDVKLLLLGADNSGKSTIVKQMKIIHGGSGGSGGTTG
IVETHFTFKNLHFRLFDVGGQRSERKKWIHCFEDVTAIIFCVDLSDYNRMHESLMLFDSICNNKFFIDTSIILFLNKKDL
FGEKIKKSPLTICFPEYTGPNTYEDAAAYIQAQFESKNRSPNKEIYCHMTCATDTNNAQVIFDAVTDIIIANNLRGCGLY
;
A
2 'polypeptide(L)'
;MHHHHHHGSSGSELDQLRQEAEQLKNQIRDARKACADATLSQITNNIDPVGRIQMRTRRTLRGHLAKIYAMHWGTDSRLL
VSASQDGKLIIWDSYTTNKVHAIPLRSSWVMTCAYAPSGNYVACGGLDNICSIYNLKTREGNVRVSRELAGHTGYLSCCR
FLDDNQIVTSSGDTTCALWDIETGQQTTTFTGHTGDVMSLSLAPDTRLFVSGACDASAKLWDVREGMCRQTFTGHESDIN
AICFFPNGNAFATGSDDATCRLFDLRADQELMTYSHDNIICGITSVSFSKSGRLLLAGYDDFNCNVWDALKADRAGVLAG
HDNRVSCLGVTDDGMAVATGSWDSFLKIWN
;
B
3 'polypeptide(L)' MASNNTASIAQARKLVEQLKMEANIDRIKVSKAAADLMAYCEAHAKEDPLLTPVPASENPFREKKFFCAIL G
4 'polypeptide(L)'
;DVQLVESGGGLVQPGGSRKLSCSASGFAFSSFGMHWVRQAPEKGLEWVAYISSGSGTIYYADTVKGRFTISRDDPKNTLF
LQMTSLRSEDTAMYYCVRSIYYYGSSPFDFWGQGTTLTVSSGGGGSGGGGSGGGGSDIVMTQATSSVPVTPGESVSISCR
SSKSLLHSNGNTYLYWFLQRPGQSPQLLIYRMSNLASGVPDRFSGSGSGTAFTLTISRLEAEDVGVYYCMQHLEYPLTFG
AGTKLELK
;
H
5 'polypeptide(L)'
;MGKTIIALSYIFCLVFADYKDDDDAANFTPVNGSSGNQSVRLVTSSSLEVLFQGPGSNRHHLQDHFLEIDKKNCCVFRDD
FIVKVLPPVLGLEFIFGLLGNGLALWIFCFHLKSWKSSRIFLFNLAVADFLLIICLPFLMDNYVRRWDWKFGDIPCRLML
FMLAMNRQGSIIFLTVVAVDRYFRVVHPHHALNKISNRTAAIISCLLWGITIGLTVHLLKKKMPIQNGGANLCSSFSICH
TFQWHEAMFLLEFFLPLGIILFCSARIIWSLRQRQMDRHAKIKRAITFIMVVAIVFVICFLPSVVVRIRIFWLLHTSGTQ
NCEVYRSVDLAFFITLSFTYMNSMLDPVVYYFSSPSFPNFFSTLINRCLQRKMTGEPDNNRSTSVELTGDPNKTRGAPEA
LMANSGEPWSPSYLGPTSP
;
R
#
# COMPACT_ATOMS: atom_id res chain seq x y z
N SER A 18 -4.17 -3.61 -27.89
CA SER A 18 -5.24 -3.80 -26.87
C SER A 18 -6.62 -3.47 -27.44
N ALA A 19 -7.62 -4.36 -27.27
CA ALA A 19 -8.93 -4.11 -27.92
C ALA A 19 -9.95 -3.33 -27.06
N GLU A 20 -10.95 -3.97 -26.43
CA GLU A 20 -11.83 -3.39 -25.37
C GLU A 20 -11.12 -3.67 -24.06
N GLU A 21 -9.79 -3.75 -24.11
CA GLU A 21 -8.96 -4.05 -22.94
C GLU A 21 -8.27 -2.73 -22.66
N ARG A 22 -8.71 -1.67 -23.32
CA ARG A 22 -8.20 -0.32 -23.00
C ARG A 22 -9.29 0.36 -22.20
N ALA A 23 -10.57 0.16 -22.48
CA ALA A 23 -11.60 0.68 -21.58
C ALA A 23 -11.42 0.14 -20.17
N ALA A 24 -11.04 -1.14 -20.04
CA ALA A 24 -10.74 -1.68 -18.73
C ALA A 24 -9.58 -0.93 -18.08
N LEU A 25 -8.58 -0.54 -18.87
CA LEU A 25 -7.48 0.23 -18.31
C LEU A 25 -7.91 1.63 -17.91
N GLU A 26 -8.86 2.23 -18.64
CA GLU A 26 -9.40 3.52 -18.21
C GLU A 26 -10.09 3.39 -16.86
N ARG A 27 -10.91 2.34 -16.69
CA ARG A 27 -11.52 2.10 -15.39
C ARG A 27 -10.45 1.92 -14.30
N SER A 28 -9.40 1.18 -14.62
CA SER A 28 -8.32 0.98 -13.66
C SER A 28 -7.74 2.31 -13.19
N LYS A 29 -7.42 3.19 -14.12
CA LYS A 29 -6.86 4.49 -13.74
C LYS A 29 -7.86 5.34 -12.99
N ALA A 30 -9.15 5.28 -13.37
CA ALA A 30 -10.13 6.11 -12.68
C ALA A 30 -10.24 5.72 -11.21
N ILE A 31 -10.31 4.42 -10.91
CA ILE A 31 -10.44 4.07 -9.50
C ILE A 31 -9.10 4.14 -8.77
N GLU A 32 -7.98 4.09 -9.49
CA GLU A 32 -6.72 4.46 -8.84
C GLU A 32 -6.75 5.93 -8.41
N LYS A 33 -7.29 6.79 -9.26
CA LYS A 33 -7.44 8.20 -8.91
C LYS A 33 -8.33 8.37 -7.69
N ASN A 34 -9.44 7.65 -7.63
CA ASN A 34 -10.30 7.78 -6.46
C ASN A 34 -9.64 7.24 -5.19
N LEU A 35 -8.88 6.14 -5.30
CA LEU A 35 -8.10 5.68 -4.15
C LEU A 35 -7.18 6.78 -3.65
N LYS A 36 -6.36 7.37 -4.52
CA LYS A 36 -5.41 8.40 -4.04
C LYS A 36 -6.21 9.59 -3.50
N GLU A 37 -7.26 10.01 -4.17
CA GLU A 37 -7.96 11.20 -3.70
C GLU A 37 -8.55 10.97 -2.32
N ASP A 38 -9.07 9.76 -2.05
CA ASP A 38 -9.54 9.44 -0.71
C ASP A 38 -8.37 9.44 0.27
N GLY A 39 -7.23 8.89 -0.13
CA GLY A 39 -6.13 8.71 0.80
C GLY A 39 -5.53 10.04 1.22
N ILE A 40 -5.31 10.94 0.26
CA ILE A 40 -4.71 12.23 0.62
C ILE A 40 -5.67 13.06 1.46
N SER A 41 -6.98 12.83 1.33
CA SER A 41 -7.93 13.52 2.19
C SER A 41 -7.94 12.92 3.59
N ALA A 42 -7.77 11.60 3.69
CA ALA A 42 -7.80 10.96 5.00
C ALA A 42 -6.52 11.18 5.78
N ALA A 43 -5.39 11.39 5.08
CA ALA A 43 -4.12 11.58 5.77
C ALA A 43 -4.09 12.86 6.58
N LYS A 44 -5.06 13.75 6.39
CA LYS A 44 -5.16 14.95 7.20
C LYS A 44 -5.64 14.66 8.62
N ASP A 45 -6.32 13.54 8.82
CA ASP A 45 -6.86 13.21 10.14
C ASP A 45 -5.76 12.70 11.07
N VAL A 46 -5.96 12.96 12.37
CA VAL A 46 -5.07 12.48 13.42
C VAL A 46 -5.78 11.37 14.20
N LYS A 47 -5.12 10.23 14.35
CA LYS A 47 -5.70 9.06 14.96
C LYS A 47 -5.18 8.91 16.39
N LEU A 48 -6.08 8.63 17.33
CA LEU A 48 -5.78 8.58 18.76
C LEU A 48 -6.47 7.38 19.39
N LEU A 49 -5.69 6.38 19.79
CA LEU A 49 -6.23 5.26 20.56
C LEU A 49 -6.52 5.72 21.98
N LEU A 50 -7.72 5.42 22.46
CA LEU A 50 -8.17 5.89 23.78
C LEU A 50 -8.41 4.69 24.68
N LEU A 51 -7.89 4.75 25.90
CA LEU A 51 -7.77 3.57 26.75
C LEU A 51 -7.94 3.92 28.21
N GLY A 52 -8.07 2.87 29.00
CA GLY A 52 -8.20 2.97 30.43
C GLY A 52 -8.87 1.74 30.98
N ALA A 53 -8.85 1.69 32.29
CA ALA A 53 -9.46 0.53 32.94
C ALA A 53 -10.96 0.69 32.87
N ASP A 54 -11.66 -0.32 33.33
CA ASP A 54 -13.11 -0.25 33.26
C ASP A 54 -13.64 0.93 34.07
N ASN A 55 -14.54 1.70 33.46
CA ASN A 55 -15.24 2.79 34.13
C ASN A 55 -14.30 3.90 34.56
N SER A 56 -13.19 4.03 33.88
CA SER A 56 -12.17 5.03 34.28
C SER A 56 -12.39 6.38 33.62
N GLY A 57 -13.63 6.82 33.49
CA GLY A 57 -13.90 8.17 33.02
C GLY A 57 -13.74 8.40 31.54
N LYS A 58 -13.33 7.40 30.76
CA LYS A 58 -13.15 7.56 29.32
C LYS A 58 -14.33 8.31 28.71
N SER A 59 -15.53 7.80 29.00
CA SER A 59 -16.72 8.30 28.34
C SER A 59 -16.94 9.79 28.60
N THR A 60 -16.41 10.31 29.71
CA THR A 60 -16.66 11.72 30.00
C THR A 60 -15.85 12.64 29.10
N ILE A 61 -14.57 12.34 28.83
CA ILE A 61 -13.86 13.19 27.87
C ILE A 61 -14.37 12.94 26.47
N VAL A 62 -14.82 11.72 26.18
CA VAL A 62 -15.49 11.51 24.89
C VAL A 62 -16.74 12.38 24.79
N LYS A 63 -17.48 12.51 25.90
CA LYS A 63 -18.70 13.32 25.88
C LYS A 63 -18.37 14.81 25.75
N GLN A 64 -17.32 15.26 26.45
CA GLN A 64 -16.96 16.67 26.36
C GLN A 64 -16.68 17.06 24.92
N MET A 65 -16.05 16.17 24.17
CA MET A 65 -15.76 16.39 22.75
C MET A 65 -16.94 16.02 21.85
N LYS A 66 -18.03 15.50 22.42
CA LYS A 66 -19.23 15.20 21.64
C LYS A 66 -19.01 14.11 20.61
N ILE A 67 -20.08 13.75 19.91
CA ILE A 67 -20.13 12.55 19.08
C ILE A 67 -19.54 11.38 19.86
N THR A 79 -20.87 -3.58 19.66
CA THR A 79 -20.06 -4.35 20.59
C THR A 79 -18.59 -4.41 20.17
N GLY A 80 -18.27 -3.79 19.04
CA GLY A 80 -16.92 -3.73 18.53
C GLY A 80 -16.20 -2.47 18.93
N ILE A 81 -15.28 -2.04 18.06
CA ILE A 81 -14.60 -0.77 18.25
C ILE A 81 -15.58 0.38 18.12
N VAL A 82 -15.33 1.45 18.88
CA VAL A 82 -16.22 2.61 18.95
C VAL A 82 -15.38 3.85 18.60
N GLU A 83 -15.50 4.32 17.37
CA GLU A 83 -14.84 5.54 16.94
C GLU A 83 -15.70 6.76 17.26
N THR A 84 -15.18 7.62 18.12
CA THR A 84 -15.61 9.01 18.23
C THR A 84 -14.72 9.89 17.36
N HIS A 85 -15.21 11.05 16.96
CA HIS A 85 -14.35 12.01 16.27
C HIS A 85 -14.81 13.43 16.52
N PHE A 86 -13.85 14.35 16.46
CA PHE A 86 -14.13 15.77 16.63
C PHE A 86 -13.07 16.57 15.87
N THR A 87 -13.38 17.84 15.64
CA THR A 87 -12.55 18.73 14.82
C THR A 87 -12.16 19.95 15.63
N PHE A 88 -10.88 20.32 15.59
CA PHE A 88 -10.36 21.40 16.41
C PHE A 88 -9.16 22.03 15.73
N LYS A 89 -9.18 23.36 15.61
CA LYS A 89 -8.11 24.12 14.95
C LYS A 89 -7.61 23.40 13.70
N ASN A 90 -8.57 23.09 12.82
CA ASN A 90 -8.39 22.51 11.48
C ASN A 90 -7.83 21.10 11.48
N LEU A 91 -7.59 20.48 12.64
CA LEU A 91 -7.32 19.06 12.69
C LEU A 91 -8.60 18.27 12.94
N HIS A 92 -8.69 17.09 12.33
CA HIS A 92 -9.79 16.17 12.53
C HIS A 92 -9.28 15.02 13.39
N PHE A 93 -9.80 14.90 14.60
CA PHE A 93 -9.33 13.91 15.57
C PHE A 93 -10.23 12.69 15.54
N ARG A 94 -9.65 11.53 15.23
CA ARG A 94 -10.36 10.26 15.27
C ARG A 94 -9.95 9.53 16.53
N LEU A 95 -10.92 9.17 17.37
CA LEU A 95 -10.68 8.91 18.79
C LEU A 95 -11.28 7.55 19.15
N PHE A 96 -10.48 6.50 18.97
CA PHE A 96 -10.93 5.11 19.04
C PHE A 96 -11.00 4.63 20.48
N ASP A 97 -12.22 4.46 21.00
CA ASP A 97 -12.41 3.71 22.23
C ASP A 97 -12.51 2.23 21.90
N VAL A 98 -11.44 1.48 22.19
CA VAL A 98 -11.36 0.08 21.80
C VAL A 98 -11.85 -0.89 22.87
N GLY A 99 -12.17 -0.40 24.06
CA GLY A 99 -12.41 -1.26 25.21
C GLY A 99 -13.62 -2.16 25.13
N GLY A 100 -14.43 -2.06 24.06
CA GLY A 100 -15.56 -2.95 23.93
C GLY A 100 -15.17 -4.38 23.63
N GLN A 101 -13.94 -4.61 23.21
CA GLN A 101 -13.46 -5.95 22.84
C GLN A 101 -13.37 -6.83 24.07
N ARG A 102 -14.17 -7.89 24.11
CA ARG A 102 -14.07 -8.88 25.17
C ARG A 102 -13.07 -9.97 24.79
N SER A 103 -11.83 -9.59 24.52
CA SER A 103 -10.81 -10.55 24.13
C SER A 103 -9.44 -9.97 24.43
N GLU A 104 -8.43 -10.84 24.46
CA GLU A 104 -7.11 -10.40 24.84
C GLU A 104 -6.54 -9.44 23.79
N ARG A 105 -5.79 -8.46 24.27
CA ARG A 105 -5.34 -7.36 23.41
C ARG A 105 -4.33 -7.83 22.38
N LYS A 106 -3.48 -8.80 22.72
CA LYS A 106 -2.30 -9.08 21.91
C LYS A 106 -2.61 -9.40 20.45
N LYS A 107 -3.78 -9.98 20.17
CA LYS A 107 -4.08 -10.42 18.82
C LYS A 107 -4.77 -9.38 17.96
N TRP A 108 -5.18 -8.23 18.49
CA TRP A 108 -5.66 -7.13 17.66
C TRP A 108 -4.98 -5.79 17.91
N ILE A 109 -4.19 -5.66 18.98
CA ILE A 109 -3.58 -4.37 19.29
C ILE A 109 -2.60 -3.92 18.22
N HIS A 110 -2.10 -4.84 17.40
CA HIS A 110 -1.23 -4.44 16.30
C HIS A 110 -1.97 -3.75 15.16
N CYS A 111 -3.30 -3.67 15.20
CA CYS A 111 -4.00 -2.77 14.28
C CYS A 111 -3.62 -1.33 14.55
N PHE A 112 -3.54 -0.93 15.82
CA PHE A 112 -3.36 0.45 16.23
C PHE A 112 -1.90 0.87 16.32
N GLU A 113 -1.01 0.14 15.64
CA GLU A 113 0.41 0.51 15.62
C GLU A 113 0.64 1.89 15.03
N ASP A 114 -0.28 2.37 14.19
CA ASP A 114 -0.07 3.60 13.43
C ASP A 114 -0.68 4.85 14.06
N VAL A 115 -1.21 4.77 15.28
CA VAL A 115 -1.83 5.95 15.86
C VAL A 115 -0.78 6.99 16.22
N THR A 116 -1.22 8.24 16.26
CA THR A 116 -0.31 9.35 16.57
C THR A 116 0.03 9.38 18.05
N ALA A 117 -0.94 9.07 18.92
CA ALA A 117 -0.68 9.01 20.35
C ALA A 117 -1.71 8.10 20.99
N ILE A 118 -1.40 7.66 22.21
CA ILE A 118 -2.31 6.86 23.02
C ILE A 118 -2.81 7.73 24.16
N ILE A 119 -4.12 7.84 24.30
CA ILE A 119 -4.72 8.60 25.39
C ILE A 119 -5.17 7.62 26.45
N PHE A 120 -4.66 7.79 27.68
CA PHE A 120 -4.85 6.85 28.76
C PHE A 120 -5.52 7.57 29.92
N CYS A 121 -6.68 7.06 30.36
CA CYS A 121 -7.48 7.70 31.39
C CYS A 121 -7.38 6.92 32.70
N VAL A 122 -7.21 7.64 33.80
CA VAL A 122 -7.15 7.08 35.13
C VAL A 122 -8.15 7.84 36.00
N ASP A 123 -8.98 7.11 36.73
CA ASP A 123 -9.91 7.73 37.66
C ASP A 123 -9.26 7.81 39.03
N LEU A 124 -8.86 9.01 39.45
CA LEU A 124 -8.28 9.21 40.77
C LEU A 124 -9.29 8.96 41.88
N SER A 125 -10.58 8.99 41.58
CA SER A 125 -11.60 8.72 42.58
C SER A 125 -11.81 7.23 42.81
N ASP A 126 -11.04 6.36 42.15
CA ASP A 126 -11.23 4.93 42.27
C ASP A 126 -11.00 4.49 43.70
N HIS A 131 -7.02 0.32 40.99
CA HIS A 131 -5.57 0.41 40.81
C HIS A 131 -5.12 -0.52 39.69
N GLU A 132 -6.05 -1.30 39.15
CA GLU A 132 -5.75 -2.12 37.99
C GLU A 132 -5.21 -1.27 36.84
N SER A 133 -5.67 -0.01 36.75
CA SER A 133 -5.18 0.87 35.70
C SER A 133 -3.68 0.93 35.68
N LEU A 134 -3.03 0.85 36.85
CA LEU A 134 -1.58 0.98 36.90
C LEU A 134 -0.90 -0.22 36.27
N MET A 135 -1.42 -1.43 36.52
CA MET A 135 -0.88 -2.61 35.84
C MET A 135 -1.17 -2.57 34.36
N LEU A 136 -2.34 -2.06 33.96
CA LEU A 136 -2.65 -1.93 32.54
C LEU A 136 -1.68 -0.98 31.85
N PHE A 137 -1.35 0.14 32.50
CA PHE A 137 -0.37 1.06 31.95
C PHE A 137 1.00 0.40 31.86
N ASP A 138 1.40 -0.30 32.92
CA ASP A 138 2.66 -1.03 32.88
C ASP A 138 2.69 -1.99 31.70
N SER A 139 1.54 -2.60 31.40
CA SER A 139 1.50 -3.61 30.34
C SER A 139 1.56 -2.97 28.95
N ILE A 140 0.78 -1.91 28.74
CA ILE A 140 0.67 -1.37 27.37
C ILE A 140 1.85 -0.46 27.05
N CYS A 141 2.25 0.41 27.97
CA CYS A 141 3.23 1.43 27.63
C CYS A 141 4.60 0.84 27.31
N ASN A 142 4.82 -0.45 27.59
CA ASN A 142 6.04 -1.14 27.22
C ASN A 142 5.81 -2.20 26.15
N ASN A 143 4.64 -2.17 25.51
CA ASN A 143 4.31 -3.18 24.52
C ASN A 143 5.15 -3.01 23.26
N LYS A 144 5.50 -4.13 22.63
CA LYS A 144 6.52 -4.12 21.58
C LYS A 144 6.13 -3.24 20.40
N PHE A 145 4.83 -3.05 20.15
CA PHE A 145 4.41 -2.14 19.08
C PHE A 145 4.43 -0.68 19.47
N PHE A 146 4.39 -0.37 20.77
CA PHE A 146 4.21 0.99 21.24
C PHE A 146 5.43 1.58 21.94
N ILE A 147 6.60 0.95 21.86
CA ILE A 147 7.77 1.53 22.50
C ILE A 147 8.16 2.85 21.87
N ASP A 148 7.66 3.15 20.66
CA ASP A 148 7.98 4.40 20.00
C ASP A 148 6.82 5.38 20.01
N THR A 149 5.68 5.01 20.59
CA THR A 149 4.46 5.82 20.53
C THR A 149 4.16 6.39 21.91
N SER A 150 3.95 7.70 21.95
CA SER A 150 3.82 8.42 23.22
C SER A 150 2.42 8.27 23.80
N ILE A 151 2.32 8.45 25.10
CA ILE A 151 1.07 8.35 25.84
C ILE A 151 0.69 9.71 26.38
N ILE A 152 -0.58 10.07 26.23
CA ILE A 152 -1.17 11.23 26.89
C ILE A 152 -1.99 10.70 28.06
N LEU A 153 -1.68 11.14 29.27
CA LEU A 153 -2.24 10.56 30.48
C LEU A 153 -3.16 11.57 31.15
N PHE A 154 -4.45 11.25 31.19
CA PHE A 154 -5.45 12.05 31.89
C PHE A 154 -5.78 11.41 33.23
N LEU A 155 -5.49 12.11 34.32
CA LEU A 155 -5.90 11.69 35.66
C LEU A 155 -7.25 12.33 35.96
N ASN A 156 -8.32 11.63 35.61
CA ASN A 156 -9.67 12.15 35.72
C ASN A 156 -10.11 12.28 37.17
N LYS A 157 -11.21 13.01 37.37
CA LYS A 157 -11.85 13.13 38.68
C LYS A 157 -10.90 13.66 39.75
N LYS A 158 -10.12 14.69 39.43
CA LYS A 158 -9.26 15.27 40.46
C LYS A 158 -10.07 15.83 41.62
N ASP A 159 -11.24 16.41 41.35
CA ASP A 159 -12.04 17.00 42.41
C ASP A 159 -12.50 15.94 43.41
N LEU A 160 -13.01 14.82 42.90
CA LEU A 160 -13.39 13.73 43.79
C LEU A 160 -12.19 13.18 44.54
N PHE A 161 -11.01 13.22 43.93
CA PHE A 161 -9.81 12.78 44.65
C PHE A 161 -9.49 13.74 45.79
N GLY A 162 -9.67 15.03 45.57
CA GLY A 162 -9.52 15.98 46.65
C GLY A 162 -10.50 15.71 47.78
N GLU A 163 -11.73 15.35 47.43
CA GLU A 163 -12.71 14.97 48.45
C GLU A 163 -12.28 13.69 49.18
N LYS A 164 -11.80 12.69 48.44
CA LYS A 164 -11.43 11.41 49.04
C LYS A 164 -10.27 11.58 50.02
N ILE A 165 -9.22 12.28 49.61
CA ILE A 165 -8.08 12.49 50.49
C ILE A 165 -8.50 13.20 51.76
N LYS A 166 -9.61 13.92 51.73
CA LYS A 166 -10.10 14.58 52.94
C LYS A 166 -10.78 13.62 53.90
N LYS A 167 -11.04 12.37 53.50
CA LYS A 167 -11.82 11.46 54.34
C LYS A 167 -11.13 10.12 54.52
N SER A 168 -10.29 9.72 53.56
CA SER A 168 -9.60 8.45 53.63
C SER A 168 -8.23 8.64 52.99
N PRO A 169 -7.16 8.20 53.63
CA PRO A 169 -5.82 8.54 53.17
C PRO A 169 -5.37 7.72 51.97
N LEU A 170 -4.43 8.29 51.23
CA LEU A 170 -3.88 7.65 50.04
C LEU A 170 -3.18 6.34 50.36
N THR A 171 -2.81 6.11 51.62
CA THR A 171 -2.14 4.86 51.98
C THR A 171 -3.01 3.64 51.71
N ILE A 172 -4.33 3.83 51.66
CA ILE A 172 -5.23 2.70 51.38
C ILE A 172 -4.93 2.13 50.00
N CYS A 173 -4.63 2.99 49.02
CA CYS A 173 -4.30 2.52 47.68
C CYS A 173 -2.82 2.25 47.48
N PHE A 174 -1.95 2.84 48.29
CA PHE A 174 -0.51 2.69 48.16
C PHE A 174 0.09 2.57 49.55
N PRO A 175 0.17 1.36 50.10
CA PRO A 175 0.67 1.21 51.47
C PRO A 175 2.08 1.72 51.67
N GLU A 176 2.88 1.83 50.62
CA GLU A 176 4.24 2.35 50.74
C GLU A 176 4.32 3.86 50.68
N TYR A 177 3.20 4.56 50.50
CA TYR A 177 3.24 6.01 50.40
C TYR A 177 3.81 6.60 51.67
N THR A 178 4.84 7.44 51.50
CA THR A 178 5.61 8.01 52.61
C THR A 178 5.62 9.53 52.41
N GLY A 179 4.58 10.20 52.90
CA GLY A 179 4.41 11.62 52.68
C GLY A 179 3.09 12.13 53.21
N PRO A 180 2.87 13.45 53.15
CA PRO A 180 1.66 14.02 53.73
C PRO A 180 0.41 13.63 52.94
N ASN A 181 -0.70 13.49 53.66
CA ASN A 181 -1.99 13.16 53.05
C ASN A 181 -2.72 14.44 52.63
N THR A 182 -2.19 15.07 51.59
CA THR A 182 -2.78 16.29 51.04
C THR A 182 -2.78 16.20 49.52
N TYR A 183 -3.81 16.80 48.91
CA TYR A 183 -4.05 16.63 47.48
C TYR A 183 -2.80 16.95 46.67
N GLU A 184 -2.20 18.12 46.92
CA GLU A 184 -1.16 18.61 46.04
C GLU A 184 0.08 17.74 46.03
N ASP A 185 0.22 16.84 47.00
CA ASP A 185 1.34 15.90 47.05
C ASP A 185 0.93 14.47 46.73
N ALA A 186 -0.21 14.02 47.27
CA ALA A 186 -0.67 12.67 46.98
C ALA A 186 -0.92 12.50 45.48
N ALA A 187 -1.55 13.51 44.88
CA ALA A 187 -1.87 13.44 43.46
C ALA A 187 -0.61 13.40 42.62
N ALA A 188 0.39 14.21 42.97
CA ALA A 188 1.64 14.17 42.25
C ALA A 188 2.35 12.84 42.44
N TYR A 189 2.20 12.23 43.62
CA TYR A 189 2.77 10.89 43.82
C TYR A 189 2.13 9.86 42.91
N ILE A 190 0.80 9.91 42.76
CA ILE A 190 0.14 9.00 41.82
C ILE A 190 0.67 9.24 40.41
N GLN A 191 0.81 10.50 40.03
CA GLN A 191 1.34 10.82 38.72
C GLN A 191 2.73 10.23 38.53
N ALA A 192 3.57 10.32 39.57
CA ALA A 192 4.92 9.75 39.48
C ALA A 192 4.87 8.23 39.38
N GLN A 193 3.97 7.60 40.14
CA GLN A 193 3.87 6.15 40.11
C GLN A 193 3.44 5.65 38.75
N PHE A 194 2.62 6.41 38.03
CA PHE A 194 2.34 6.06 36.64
C PHE A 194 3.55 6.31 35.74
N GLU A 195 4.09 7.53 35.78
CA GLU A 195 5.16 7.86 34.83
C GLU A 195 6.40 6.99 35.03
N SER A 196 6.54 6.36 36.19
CA SER A 196 7.71 5.50 36.43
C SER A 196 7.69 4.21 35.62
N LYS A 197 6.59 3.87 34.95
CA LYS A 197 6.44 2.56 34.35
C LYS A 197 7.00 2.42 32.94
N ASN A 198 7.36 3.51 32.26
CA ASN A 198 7.87 3.40 30.90
C ASN A 198 9.37 3.11 30.95
N ARG A 199 9.77 2.01 30.30
CA ARG A 199 11.16 1.55 30.33
C ARG A 199 11.93 1.86 29.05
N SER A 200 11.25 2.17 27.97
CA SER A 200 11.96 2.60 26.78
C SER A 200 12.27 4.09 26.88
N PRO A 201 13.37 4.61 26.29
CA PRO A 201 13.68 6.02 26.42
C PRO A 201 13.28 6.86 25.20
N ASN A 202 12.37 6.37 24.36
CA ASN A 202 12.02 7.12 23.18
C ASN A 202 10.67 7.82 23.25
N LYS A 203 10.09 7.98 24.44
CA LYS A 203 8.74 8.48 24.57
C LYS A 203 8.63 9.37 25.80
N GLU A 204 7.57 10.16 25.83
CA GLU A 204 7.24 11.01 26.95
C GLU A 204 5.77 10.80 27.29
N ILE A 205 5.46 10.94 28.57
CA ILE A 205 4.11 10.73 29.07
C ILE A 205 3.55 12.09 29.46
N TYR A 206 2.72 12.64 28.59
CA TYR A 206 2.15 13.98 28.76
C TYR A 206 0.98 13.91 29.73
N CYS A 207 1.22 14.35 30.97
CA CYS A 207 0.23 14.24 32.02
C CYS A 207 -0.76 15.40 31.99
N HIS A 208 -1.90 15.18 32.63
CA HIS A 208 -2.86 16.25 32.91
C HIS A 208 -3.77 15.77 34.03
N MET A 209 -4.34 16.72 34.76
CA MET A 209 -5.28 16.39 35.83
C MET A 209 -6.59 17.10 35.55
N THR A 210 -7.66 16.32 35.37
CA THR A 210 -8.93 16.81 34.87
C THR A 210 -9.97 16.80 35.98
N CYS A 211 -10.66 17.93 36.15
CA CYS A 211 -11.74 18.04 37.12
C CYS A 211 -13.10 17.64 36.54
N ALA A 212 -13.12 17.15 35.30
CA ALA A 212 -14.32 16.54 34.70
C ALA A 212 -15.37 17.56 34.30
N THR A 213 -15.21 18.82 34.72
CA THR A 213 -16.05 19.89 34.21
C THR A 213 -15.34 20.71 33.15
N ASP A 214 -14.08 20.42 32.89
CA ASP A 214 -13.27 21.27 32.05
C ASP A 214 -13.65 21.11 30.58
N THR A 215 -13.67 22.22 29.87
CA THR A 215 -13.80 22.21 28.42
C THR A 215 -12.44 22.20 27.73
N ASN A 216 -11.35 22.30 28.49
CA ASN A 216 -10.03 22.51 27.94
C ASN A 216 -9.41 21.24 27.37
N ASN A 217 -10.08 20.09 27.52
CA ASN A 217 -9.45 18.83 27.13
C ASN A 217 -9.06 18.82 25.65
N ALA A 218 -9.86 19.45 24.80
CA ALA A 218 -9.51 19.47 23.39
C ALA A 218 -8.19 20.17 23.17
N GLN A 219 -7.97 21.29 23.87
CA GLN A 219 -6.70 22.01 23.73
C GLN A 219 -5.53 21.20 24.30
N VAL A 220 -5.76 20.50 25.41
CA VAL A 220 -4.70 19.65 25.96
C VAL A 220 -4.30 18.59 24.96
N ILE A 221 -5.29 17.87 24.42
CA ILE A 221 -5.01 16.85 23.41
C ILE A 221 -4.29 17.48 22.22
N PHE A 222 -4.78 18.64 21.77
CA PHE A 222 -4.24 19.28 20.58
C PHE A 222 -2.77 19.64 20.72
N ASP A 223 -2.41 20.36 21.78
CA ASP A 223 -1.03 20.82 21.84
C ASP A 223 -0.09 19.71 22.30
N ALA A 224 -0.59 18.71 23.02
CA ALA A 224 0.23 17.52 23.21
C ALA A 224 0.50 16.85 21.87
N VAL A 225 -0.50 16.80 21.01
CA VAL A 225 -0.30 16.23 19.67
C VAL A 225 0.65 17.07 18.84
N THR A 226 0.61 18.40 19.00
CA THR A 226 1.57 19.23 18.27
C THR A 226 2.99 18.95 18.72
N ASP A 227 3.21 18.83 20.02
CA ASP A 227 4.54 18.44 20.48
C ASP A 227 4.93 17.09 19.89
N ILE A 228 3.99 16.15 19.88
CA ILE A 228 4.31 14.81 19.40
C ILE A 228 4.64 14.85 17.91
N ILE A 229 3.91 15.65 17.14
CA ILE A 229 4.12 15.74 15.70
C ILE A 229 5.46 16.41 15.40
N ILE A 230 5.83 17.48 16.11
CA ILE A 230 7.13 18.08 15.80
C ILE A 230 8.25 17.15 16.24
N ALA A 231 8.05 16.39 17.32
CA ALA A 231 9.10 15.44 17.67
C ALA A 231 9.25 14.38 16.59
N ASN A 232 8.12 13.91 16.04
CA ASN A 232 8.20 12.95 14.95
C ASN A 232 8.87 13.56 13.73
N ASN A 233 8.62 14.84 13.45
CA ASN A 233 9.27 15.49 12.32
C ASN A 233 10.77 15.66 12.55
N LEU A 234 11.16 15.98 13.79
CA LEU A 234 12.59 16.09 14.08
C LEU A 234 13.28 14.73 13.94
N ARG A 235 12.60 13.66 14.33
CA ARG A 235 13.13 12.33 14.06
C ARG A 235 13.23 12.05 12.56
N GLY A 236 12.18 12.41 11.81
CA GLY A 236 12.20 12.17 10.38
C GLY A 236 13.23 13.00 9.65
N CYS A 237 13.64 14.12 10.22
CA CYS A 237 14.68 14.96 9.64
C CYS A 237 16.07 14.53 10.08
N GLY A 238 16.18 13.58 11.00
CA GLY A 238 17.47 13.17 11.51
C GLY A 238 18.13 14.19 12.41
N LEU A 239 17.37 15.11 12.96
CA LEU A 239 17.89 16.21 13.77
C LEU A 239 17.75 15.93 15.26
N TYR A 240 17.36 14.71 15.63
CA TYR A 240 16.90 14.40 16.98
C TYR A 240 17.23 12.95 17.32
N GLU B 13 -17.78 -34.89 43.74
CA GLU B 13 -18.29 -35.02 42.34
C GLU B 13 -17.28 -34.51 41.31
N LEU B 14 -16.98 -33.21 41.37
CA LEU B 14 -16.19 -32.59 40.33
C LEU B 14 -14.82 -33.25 40.19
N ASP B 15 -14.22 -33.63 41.32
CA ASP B 15 -12.90 -34.24 41.25
C ASP B 15 -12.92 -35.51 40.41
N GLN B 16 -14.02 -36.27 40.48
CA GLN B 16 -14.10 -37.49 39.69
C GLN B 16 -14.14 -37.17 38.19
N LEU B 17 -14.89 -36.14 37.81
CA LEU B 17 -14.91 -35.73 36.41
C LEU B 17 -13.52 -35.29 35.96
N ARG B 18 -12.82 -34.51 36.78
CA ARG B 18 -11.48 -34.08 36.41
C ARG B 18 -10.55 -35.27 36.24
N GLN B 19 -10.61 -36.23 37.16
CA GLN B 19 -9.73 -37.39 37.08
C GLN B 19 -10.06 -38.23 35.85
N GLU B 20 -11.34 -38.36 35.52
CA GLU B 20 -11.71 -39.17 34.38
C GLU B 20 -11.29 -38.49 33.07
N ALA B 21 -11.40 -37.16 33.01
CA ALA B 21 -10.87 -36.45 31.85
C ALA B 21 -9.36 -36.66 31.73
N GLU B 22 -8.65 -36.62 32.86
CA GLU B 22 -7.21 -36.84 32.83
C GLU B 22 -6.89 -38.24 32.31
N GLN B 23 -7.64 -39.25 32.75
CA GLN B 23 -7.40 -40.61 32.27
C GLN B 23 -7.72 -40.72 30.79
N LEU B 24 -8.77 -40.03 30.33
CA LEU B 24 -9.08 -40.02 28.91
C LEU B 24 -7.90 -39.46 28.12
N LYS B 25 -7.30 -38.38 28.61
CA LYS B 25 -6.11 -37.85 27.94
C LYS B 25 -4.94 -38.82 27.98
N ASN B 26 -4.84 -39.61 29.05
CA ASN B 26 -3.67 -40.52 29.06
C ASN B 26 -3.94 -41.64 28.07
N GLN B 27 -5.20 -42.03 27.86
CA GLN B 27 -5.50 -43.03 26.85
C GLN B 27 -5.26 -42.48 25.45
N ILE B 28 -5.62 -41.21 25.21
CA ILE B 28 -5.27 -40.57 23.95
C ILE B 28 -3.77 -40.65 23.70
N ARG B 29 -2.98 -40.25 24.69
CA ARG B 29 -1.53 -40.22 24.48
C ARG B 29 -1.00 -41.61 24.22
N ASP B 30 -1.50 -42.61 24.95
CA ASP B 30 -1.04 -43.97 24.75
C ASP B 30 -1.36 -44.44 23.33
N ALA B 31 -2.58 -44.19 22.87
CA ALA B 31 -2.96 -44.64 21.53
C ALA B 31 -2.13 -43.94 20.47
N ARG B 32 -1.93 -42.63 20.60
CA ARG B 32 -1.18 -41.90 19.60
C ARG B 32 0.27 -42.35 19.57
N LYS B 33 0.87 -42.57 20.75
CA LYS B 33 2.25 -43.03 20.78
C LYS B 33 2.39 -44.43 20.22
N ALA B 34 1.36 -45.26 20.39
CA ALA B 34 1.43 -46.63 19.88
C ALA B 34 1.47 -46.66 18.35
N CYS B 35 0.88 -45.65 17.70
CA CYS B 35 0.81 -45.64 16.25
C CYS B 35 2.08 -45.13 15.59
N ALA B 36 2.99 -44.54 16.37
CA ALA B 36 4.16 -43.85 15.82
C ALA B 36 5.28 -44.84 15.53
N ASP B 37 5.01 -45.78 14.61
CA ASP B 37 5.99 -46.82 14.34
C ASP B 37 7.21 -46.26 13.62
N ALA B 38 7.04 -45.25 12.78
CA ALA B 38 8.17 -44.55 12.19
C ALA B 38 7.77 -43.12 11.88
N THR B 39 8.78 -42.26 11.81
CA THR B 39 8.56 -40.84 11.55
C THR B 39 8.63 -40.54 10.06
N LEU B 40 7.93 -39.48 9.65
CA LEU B 40 7.96 -39.06 8.26
C LEU B 40 9.36 -38.76 7.80
N SER B 41 10.14 -38.05 8.62
CA SER B 41 11.49 -37.72 8.23
C SER B 41 12.33 -38.97 8.00
N GLN B 42 12.06 -40.03 8.77
CA GLN B 42 12.78 -41.28 8.58
C GLN B 42 12.32 -42.00 7.32
N ILE B 43 11.01 -42.01 7.07
CA ILE B 43 10.48 -42.74 5.93
C ILE B 43 10.92 -42.09 4.62
N THR B 44 10.82 -40.77 4.53
CA THR B 44 11.07 -40.05 3.30
C THR B 44 12.52 -39.65 3.13
N ASN B 45 13.42 -40.26 3.90
CA ASN B 45 14.84 -39.90 3.83
C ASN B 45 15.41 -40.14 2.44
N ASN B 46 14.93 -41.17 1.75
CA ASN B 46 15.51 -41.54 0.46
C ASN B 46 14.98 -40.71 -0.71
N ILE B 47 13.98 -39.85 -0.49
CA ILE B 47 13.44 -39.04 -1.55
C ILE B 47 14.40 -37.92 -1.91
N ASP B 48 14.52 -37.65 -3.21
CA ASP B 48 15.42 -36.61 -3.68
C ASP B 48 14.93 -35.24 -3.24
N PRO B 49 15.81 -34.39 -2.69
CA PRO B 49 15.35 -33.07 -2.25
C PRO B 49 14.89 -32.20 -3.41
N VAL B 50 13.96 -31.30 -3.11
CA VAL B 50 13.37 -30.42 -4.12
C VAL B 50 14.34 -29.35 -4.60
N GLY B 51 15.47 -29.16 -3.93
CA GLY B 51 16.48 -28.26 -4.42
C GLY B 51 16.17 -26.80 -4.13
N ARG B 52 17.03 -25.94 -4.68
CA ARG B 52 16.95 -24.50 -4.47
C ARG B 52 15.79 -23.95 -5.28
N ILE B 53 14.71 -23.56 -4.59
CA ILE B 53 13.52 -23.06 -5.26
C ILE B 53 13.64 -21.56 -5.48
N GLN B 54 14.21 -21.18 -6.61
CA GLN B 54 14.32 -19.77 -6.98
C GLN B 54 13.00 -19.25 -7.54
N MET B 55 12.65 -18.02 -7.16
CA MET B 55 11.39 -17.41 -7.56
C MET B 55 11.59 -15.90 -7.67
N ARG B 56 10.83 -15.26 -8.56
CA ARG B 56 11.02 -13.84 -8.82
C ARG B 56 9.69 -13.11 -8.83
N THR B 57 9.73 -11.84 -8.45
CA THR B 57 8.56 -10.98 -8.28
C THR B 57 8.01 -10.55 -9.64
N ARG B 58 7.13 -11.38 -10.18
CA ARG B 58 6.61 -11.13 -11.52
C ARG B 58 5.71 -9.90 -11.54
N ARG B 59 4.97 -9.63 -10.46
CA ARG B 59 4.07 -8.50 -10.38
C ARG B 59 4.17 -7.86 -9.01
N THR B 60 3.91 -6.56 -8.95
CA THR B 60 3.76 -5.84 -7.68
C THR B 60 2.46 -5.04 -7.77
N LEU B 61 1.53 -5.33 -6.87
CA LEU B 61 0.20 -4.71 -6.89
C LEU B 61 0.21 -3.45 -6.02
N ARG B 62 0.74 -2.38 -6.59
CA ARG B 62 0.77 -1.08 -5.93
C ARG B 62 -0.63 -0.44 -5.92
N GLY B 63 -0.99 0.19 -4.82
CA GLY B 63 -2.28 0.87 -4.74
C GLY B 63 -2.96 0.86 -3.38
N HIS B 64 -2.59 -0.03 -2.47
CA HIS B 64 -3.03 0.11 -1.08
C HIS B 64 -2.18 1.15 -0.36
N LEU B 65 -2.80 1.85 0.59
CA LEU B 65 -2.15 2.94 1.30
C LEU B 65 -1.91 2.64 2.78
N ALA B 66 -2.29 1.47 3.28
CA ALA B 66 -2.00 1.08 4.65
C ALA B 66 -1.81 -0.43 4.73
N LYS B 67 -1.53 -0.92 5.93
CA LYS B 67 -1.14 -2.32 6.09
C LYS B 67 -2.20 -3.27 5.53
N ILE B 68 -1.75 -4.21 4.72
CA ILE B 68 -2.62 -5.25 4.18
C ILE B 68 -2.71 -6.39 5.18
N TYR B 69 -3.93 -6.88 5.41
CA TYR B 69 -4.17 -7.96 6.37
C TYR B 69 -4.69 -9.25 5.75
N ALA B 70 -5.16 -9.24 4.50
CA ALA B 70 -5.74 -10.45 3.94
C ALA B 70 -5.67 -10.42 2.43
N MET B 71 -5.73 -11.62 1.85
CA MET B 71 -5.81 -11.79 0.41
C MET B 71 -6.52 -13.11 0.13
N HIS B 72 -7.12 -13.21 -1.05
CA HIS B 72 -7.71 -14.48 -1.45
C HIS B 72 -7.84 -14.49 -2.97
N TRP B 73 -7.67 -15.67 -3.56
CA TRP B 73 -7.69 -15.87 -5.00
C TRP B 73 -9.06 -16.36 -5.43
N GLY B 74 -9.53 -15.89 -6.59
CA GLY B 74 -10.66 -16.51 -7.21
C GLY B 74 -10.35 -17.91 -7.70
N THR B 75 -11.40 -18.70 -7.88
CA THR B 75 -11.22 -20.08 -8.35
C THR B 75 -10.62 -20.13 -9.74
N ASP B 76 -10.63 -19.02 -10.47
CA ASP B 76 -10.04 -18.94 -11.80
C ASP B 76 -8.56 -18.59 -11.75
N SER B 77 -8.00 -18.39 -10.56
CA SER B 77 -6.57 -18.15 -10.39
C SER B 77 -6.09 -16.83 -10.99
N ARG B 78 -7.00 -16.01 -11.52
CA ARG B 78 -6.62 -14.73 -12.12
C ARG B 78 -7.01 -13.55 -11.25
N LEU B 79 -8.26 -13.52 -10.78
CA LEU B 79 -8.72 -12.45 -9.89
C LEU B 79 -8.28 -12.70 -8.46
N LEU B 80 -7.89 -11.64 -7.77
CA LEU B 80 -7.51 -11.69 -6.36
C LEU B 80 -8.12 -10.50 -5.63
N VAL B 81 -8.60 -10.74 -4.40
CA VAL B 81 -9.06 -9.67 -3.52
C VAL B 81 -8.08 -9.48 -2.39
N SER B 82 -7.74 -8.22 -2.10
CA SER B 82 -6.80 -7.88 -1.05
C SER B 82 -7.39 -6.71 -0.25
N ALA B 83 -7.32 -6.80 1.07
CA ALA B 83 -7.99 -5.88 1.97
C ALA B 83 -7.02 -5.37 3.03
N SER B 84 -7.13 -4.09 3.37
CA SER B 84 -6.16 -3.43 4.22
C SER B 84 -6.86 -2.49 5.19
N GLN B 85 -6.14 -2.07 6.23
CA GLN B 85 -6.69 -1.15 7.22
C GLN B 85 -6.84 0.28 6.71
N ASP B 86 -6.69 0.52 5.40
CA ASP B 86 -7.14 1.78 4.81
C ASP B 86 -8.65 1.81 4.61
N GLY B 87 -9.34 0.68 4.76
CA GLY B 87 -10.77 0.63 4.57
C GLY B 87 -11.21 0.27 3.17
N LYS B 88 -10.30 -0.16 2.31
CA LYS B 88 -10.61 -0.61 0.97
C LYS B 88 -10.38 -2.11 0.83
N LEU B 89 -11.33 -2.79 0.18
CA LEU B 89 -11.10 -4.11 -0.38
C LEU B 89 -11.08 -3.98 -1.89
N ILE B 90 -9.97 -4.38 -2.51
CA ILE B 90 -9.74 -4.18 -3.94
C ILE B 90 -9.60 -5.54 -4.60
N ILE B 91 -10.19 -5.68 -5.78
CA ILE B 91 -10.08 -6.89 -6.58
C ILE B 91 -9.15 -6.59 -7.75
N TRP B 92 -8.12 -7.42 -7.90
CA TRP B 92 -7.03 -7.19 -8.84
C TRP B 92 -7.12 -8.23 -9.96
N ASP B 93 -6.87 -7.80 -11.18
CA ASP B 93 -6.60 -8.75 -12.27
C ASP B 93 -5.11 -9.03 -12.25
N SER B 94 -4.72 -10.19 -11.73
CA SER B 94 -3.31 -10.46 -11.49
C SER B 94 -2.48 -10.54 -12.76
N TYR B 95 -3.07 -10.93 -13.89
CA TYR B 95 -2.30 -11.04 -15.13
C TYR B 95 -1.91 -9.69 -15.70
N THR B 96 -2.65 -8.62 -15.39
CA THR B 96 -2.35 -7.29 -15.92
C THR B 96 -2.11 -6.24 -14.86
N THR B 97 -2.33 -6.56 -13.58
CA THR B 97 -2.17 -5.64 -12.45
C THR B 97 -3.26 -4.56 -12.45
N ASN B 98 -4.28 -4.69 -13.27
CA ASN B 98 -5.40 -3.76 -13.24
C ASN B 98 -6.25 -3.97 -11.99
N LYS B 99 -6.85 -2.89 -11.51
CA LYS B 99 -7.81 -2.93 -10.42
C LYS B 99 -9.21 -3.04 -10.99
N VAL B 100 -9.90 -4.13 -10.66
CA VAL B 100 -11.21 -4.43 -11.24
C VAL B 100 -12.32 -3.75 -10.44
N HIS B 101 -12.32 -3.93 -9.12
CA HIS B 101 -13.21 -3.21 -8.22
C HIS B 101 -12.41 -2.62 -7.07
N ALA B 102 -12.96 -1.56 -6.47
CA ALA B 102 -12.53 -1.09 -5.17
C ALA B 102 -13.77 -0.86 -4.32
N ILE B 103 -13.82 -1.51 -3.16
CA ILE B 103 -15.00 -1.57 -2.32
C ILE B 103 -14.73 -0.77 -1.06
N PRO B 104 -15.46 0.31 -0.79
CA PRO B 104 -15.26 1.03 0.48
C PRO B 104 -16.01 0.35 1.63
N LEU B 105 -15.24 -0.22 2.55
CA LEU B 105 -15.82 -0.88 3.71
C LEU B 105 -16.53 0.13 4.61
N ARG B 106 -17.58 -0.34 5.28
CA ARG B 106 -18.31 0.50 6.23
C ARG B 106 -17.51 0.75 7.50
N SER B 107 -16.37 0.06 7.68
CA SER B 107 -15.47 0.33 8.77
C SER B 107 -14.07 -0.06 8.35
N SER B 108 -13.08 0.70 8.80
CA SER B 108 -11.71 0.58 8.30
C SER B 108 -10.93 -0.57 8.92
N TRP B 109 -11.46 -1.23 9.95
CA TRP B 109 -10.67 -2.18 10.74
C TRP B 109 -10.91 -3.63 10.30
N VAL B 110 -10.55 -3.91 9.05
CA VAL B 110 -10.65 -5.25 8.50
C VAL B 110 -9.50 -6.13 9.00
N MET B 111 -9.80 -7.41 9.24
CA MET B 111 -8.79 -8.43 9.51
C MET B 111 -8.85 -9.64 8.59
N THR B 112 -9.87 -9.79 7.74
CA THR B 112 -9.99 -10.96 6.88
C THR B 112 -10.84 -10.65 5.66
N CYS B 113 -10.69 -11.47 4.62
CA CYS B 113 -11.57 -11.40 3.46
C CYS B 113 -11.50 -12.73 2.72
N ALA B 114 -12.47 -12.93 1.82
CA ALA B 114 -12.54 -14.17 1.05
C ALA B 114 -13.24 -13.91 -0.28
N TYR B 115 -12.94 -14.75 -1.27
CA TYR B 115 -13.51 -14.67 -2.60
C TYR B 115 -14.27 -15.96 -2.86
N ALA B 116 -15.56 -15.86 -3.16
CA ALA B 116 -16.39 -17.06 -3.24
C ALA B 116 -15.93 -17.95 -4.38
N PRO B 117 -16.13 -19.27 -4.27
CA PRO B 117 -15.65 -20.15 -5.34
C PRO B 117 -16.32 -19.90 -6.67
N SER B 118 -17.55 -19.38 -6.67
CA SER B 118 -18.19 -19.02 -7.93
C SER B 118 -17.65 -17.71 -8.49
N GLY B 119 -17.03 -16.89 -7.66
CA GLY B 119 -16.64 -15.55 -8.05
C GLY B 119 -17.74 -14.52 -7.93
N ASN B 120 -18.92 -14.91 -7.46
CA ASN B 120 -20.02 -13.94 -7.38
C ASN B 120 -19.87 -13.01 -6.20
N TYR B 121 -19.23 -13.44 -5.12
CA TYR B 121 -19.25 -12.69 -3.86
C TYR B 121 -17.85 -12.52 -3.29
N VAL B 122 -17.75 -11.51 -2.43
CA VAL B 122 -16.58 -11.27 -1.58
C VAL B 122 -17.08 -11.01 -0.17
N ALA B 123 -16.39 -11.58 0.83
CA ALA B 123 -16.76 -11.42 2.23
C ALA B 123 -15.61 -10.74 2.98
N CYS B 124 -15.94 -10.08 4.09
CA CYS B 124 -14.93 -9.33 4.83
C CYS B 124 -15.38 -9.11 6.26
N GLY B 125 -14.42 -8.97 7.16
CA GLY B 125 -14.73 -8.76 8.58
C GLY B 125 -13.51 -8.39 9.36
N GLY B 126 -13.73 -8.03 10.62
CA GLY B 126 -12.64 -7.63 11.51
C GLY B 126 -13.10 -7.22 12.90
N LEU B 127 -12.53 -6.14 13.44
CA LEU B 127 -12.81 -5.70 14.80
C LEU B 127 -14.26 -5.26 15.00
N ASP B 128 -15.05 -5.16 13.93
CA ASP B 128 -16.45 -4.78 14.03
C ASP B 128 -17.31 -5.89 14.64
N ASN B 129 -16.80 -7.12 14.67
CA ASN B 129 -17.55 -8.35 14.97
C ASN B 129 -18.46 -8.73 13.82
N ILE B 130 -18.72 -7.81 12.88
CA ILE B 130 -19.66 -8.10 11.81
C ILE B 130 -18.92 -8.58 10.59
N CYS B 131 -19.57 -9.46 9.82
CA CYS B 131 -19.00 -10.04 8.62
C CYS B 131 -19.91 -9.68 7.45
N SER B 132 -19.34 -9.00 6.45
CA SER B 132 -20.11 -8.37 5.39
C SER B 132 -19.92 -9.14 4.09
N ILE B 133 -21.02 -9.39 3.39
CA ILE B 133 -21.04 -10.19 2.18
C ILE B 133 -21.34 -9.26 1.01
N TYR B 134 -20.31 -8.91 0.25
CA TYR B 134 -20.48 -8.08 -0.94
C TYR B 134 -20.88 -8.91 -2.16
N ASN B 135 -21.74 -8.34 -2.98
CA ASN B 135 -22.22 -8.97 -4.21
C ASN B 135 -21.57 -8.28 -5.41
N LEU B 136 -20.66 -8.97 -6.10
CA LEU B 136 -19.88 -8.35 -7.17
C LEU B 136 -20.64 -8.24 -8.49
N LYS B 137 -21.68 -9.05 -8.70
CA LYS B 137 -22.34 -9.17 -10.00
C LYS B 137 -23.70 -8.46 -10.05
N THR B 138 -23.84 -7.35 -9.33
CA THR B 138 -25.14 -6.68 -9.25
C THR B 138 -25.56 -6.16 -10.62
N ARG B 139 -26.87 -6.17 -10.86
CA ARG B 139 -27.40 -5.63 -12.12
C ARG B 139 -27.20 -4.12 -12.21
N GLU B 140 -27.17 -3.42 -11.07
CA GLU B 140 -26.97 -1.99 -11.07
C GLU B 140 -25.54 -1.57 -11.40
N GLY B 141 -24.63 -2.52 -11.62
CA GLY B 141 -23.29 -2.20 -12.06
C GLY B 141 -22.31 -1.95 -10.93
N ASN B 142 -22.78 -1.40 -9.81
CA ASN B 142 -21.92 -1.21 -8.66
C ASN B 142 -22.02 -2.41 -7.72
N VAL B 143 -21.12 -2.45 -6.75
CA VAL B 143 -20.95 -3.57 -5.83
C VAL B 143 -21.43 -3.15 -4.45
N ARG B 144 -22.30 -3.97 -3.86
CA ARG B 144 -23.04 -3.58 -2.67
C ARG B 144 -23.14 -4.75 -1.69
N VAL B 145 -23.38 -4.40 -0.43
CA VAL B 145 -23.52 -5.38 0.65
C VAL B 145 -24.85 -6.10 0.48
N SER B 146 -24.81 -7.40 0.24
CA SER B 146 -26.03 -8.20 0.18
C SER B 146 -26.48 -8.67 1.56
N ARG B 147 -25.55 -8.79 2.52
CA ARG B 147 -25.87 -9.26 3.85
C ARG B 147 -24.76 -8.85 4.80
N GLU B 148 -25.13 -8.34 5.97
CA GLU B 148 -24.20 -8.12 7.06
C GLU B 148 -24.51 -9.13 8.15
N LEU B 149 -23.58 -10.05 8.38
CA LEU B 149 -23.77 -11.16 9.31
C LEU B 149 -23.27 -10.73 10.68
N ALA B 150 -24.14 -10.79 11.68
CA ALA B 150 -23.83 -10.29 13.02
C ALA B 150 -24.12 -11.36 14.06
N GLY B 151 -23.40 -11.32 15.18
CA GLY B 151 -23.62 -12.29 16.23
C GLY B 151 -22.43 -12.75 17.04
N HIS B 152 -21.21 -12.51 16.56
CA HIS B 152 -20.03 -12.87 17.36
C HIS B 152 -19.79 -11.85 18.46
N THR B 153 -19.25 -12.33 19.57
CA THR B 153 -18.96 -11.51 20.74
C THR B 153 -17.54 -10.95 20.69
N GLY B 154 -16.88 -11.05 19.55
CA GLY B 154 -15.52 -10.55 19.42
C GLY B 154 -15.14 -10.45 17.95
N TYR B 155 -13.93 -9.98 17.72
CA TYR B 155 -13.47 -9.77 16.36
C TYR B 155 -13.52 -11.06 15.56
N LEU B 156 -13.90 -10.96 14.30
CA LEU B 156 -13.89 -12.08 13.37
C LEU B 156 -12.50 -12.17 12.76
N SER B 157 -11.79 -13.26 13.03
CA SER B 157 -10.40 -13.39 12.60
C SER B 157 -10.27 -13.91 11.17
N CYS B 158 -11.19 -14.76 10.71
CA CYS B 158 -10.99 -15.43 9.44
C CYS B 158 -12.30 -16.06 9.00
N CYS B 159 -12.54 -16.08 7.69
CA CYS B 159 -13.78 -16.63 7.16
C CYS B 159 -13.56 -17.19 5.77
N ARG B 160 -14.40 -18.13 5.38
CA ARG B 160 -14.30 -18.80 4.10
C ARG B 160 -15.69 -19.21 3.64
N PHE B 161 -15.93 -19.17 2.33
CA PHE B 161 -17.16 -19.69 1.77
C PHE B 161 -17.08 -21.20 1.59
N LEU B 162 -18.16 -21.90 1.96
CA LEU B 162 -18.36 -23.27 1.49
C LEU B 162 -19.01 -23.28 0.11
N ASP B 163 -20.00 -22.43 -0.08
CA ASP B 163 -20.59 -22.15 -1.40
C ASP B 163 -21.35 -20.85 -1.25
N ASP B 164 -21.87 -20.34 -2.37
CA ASP B 164 -22.41 -18.98 -2.36
C ASP B 164 -23.38 -18.75 -1.21
N ASN B 165 -24.14 -19.77 -0.81
CA ASN B 165 -25.18 -19.53 0.19
C ASN B 165 -24.72 -19.70 1.63
N GLN B 166 -23.55 -20.25 1.90
CA GLN B 166 -23.14 -20.46 3.29
C GLN B 166 -21.65 -20.26 3.50
N ILE B 167 -21.31 -19.51 4.54
CA ILE B 167 -19.97 -19.05 4.87
C ILE B 167 -19.67 -19.44 6.31
N VAL B 168 -18.43 -19.83 6.58
CA VAL B 168 -17.98 -20.19 7.93
C VAL B 168 -16.99 -19.14 8.42
N THR B 169 -17.19 -18.68 9.65
CA THR B 169 -16.39 -17.62 10.25
C THR B 169 -15.71 -18.11 11.52
N SER B 170 -14.62 -17.44 11.89
CA SER B 170 -13.81 -17.80 13.05
C SER B 170 -13.47 -16.52 13.81
N SER B 171 -13.57 -16.56 15.13
CA SER B 171 -13.66 -15.31 15.89
C SER B 171 -12.96 -15.40 17.23
N GLY B 172 -12.73 -14.23 17.79
CA GLY B 172 -12.08 -14.04 19.07
C GLY B 172 -12.95 -14.31 20.28
N ASP B 173 -14.15 -14.84 20.09
CA ASP B 173 -14.96 -15.34 21.20
C ASP B 173 -14.92 -16.86 21.26
N THR B 174 -13.75 -17.44 21.02
CA THR B 174 -13.48 -18.87 21.13
C THR B 174 -14.39 -19.71 20.23
N THR B 175 -14.97 -19.13 19.20
CA THR B 175 -16.07 -19.77 18.49
C THR B 175 -15.93 -19.61 16.99
N CYS B 176 -16.11 -20.71 16.27
CA CYS B 176 -16.42 -20.68 14.86
C CYS B 176 -17.91 -20.89 14.66
N ALA B 177 -18.43 -20.40 13.54
CA ALA B 177 -19.84 -20.50 13.24
C ALA B 177 -20.05 -20.64 11.75
N LEU B 178 -21.14 -21.30 11.38
CA LEU B 178 -21.52 -21.52 9.99
C LEU B 178 -22.82 -20.78 9.73
N TRP B 179 -22.84 -19.92 8.72
CA TRP B 179 -23.94 -19.00 8.47
C TRP B 179 -24.70 -19.42 7.23
N ASP B 180 -26.02 -19.25 7.27
CA ASP B 180 -26.84 -19.26 6.07
C ASP B 180 -26.97 -17.82 5.57
N ILE B 181 -26.31 -17.50 4.46
CA ILE B 181 -26.21 -16.11 4.04
C ILE B 181 -27.55 -15.57 3.56
N GLU B 182 -28.52 -16.44 3.26
CA GLU B 182 -29.83 -15.95 2.87
C GLU B 182 -30.57 -15.35 4.07
N THR B 183 -30.70 -16.13 5.14
CA THR B 183 -31.35 -15.63 6.35
C THR B 183 -30.42 -14.77 7.21
N GLY B 184 -29.12 -14.94 7.09
CA GLY B 184 -28.20 -14.20 7.93
C GLY B 184 -28.06 -14.75 9.33
N GLN B 185 -28.24 -16.05 9.52
CA GLN B 185 -28.29 -16.65 10.85
C GLN B 185 -27.34 -17.83 10.93
N GLN B 186 -26.93 -18.14 12.16
CA GLN B 186 -25.98 -19.24 12.39
C GLN B 186 -26.70 -20.58 12.26
N THR B 187 -26.41 -21.29 11.18
CA THR B 187 -26.94 -22.63 11.00
C THR B 187 -26.31 -23.63 11.96
N THR B 188 -25.10 -23.34 12.43
CA THR B 188 -24.38 -24.19 13.38
C THR B 188 -23.34 -23.32 14.05
N THR B 189 -23.01 -23.63 15.30
CA THR B 189 -21.96 -22.91 16.00
C THR B 189 -21.02 -23.90 16.68
N PHE B 190 -19.74 -23.59 16.64
CA PHE B 190 -18.68 -24.52 17.04
C PHE B 190 -17.97 -23.95 18.27
N THR B 191 -18.52 -24.22 19.45
CA THR B 191 -17.82 -23.90 20.69
C THR B 191 -16.81 -24.98 21.02
N GLY B 192 -15.76 -24.61 21.77
CA GLY B 192 -14.79 -25.61 22.19
C GLY B 192 -13.33 -25.25 22.33
N HIS B 193 -12.88 -24.10 21.82
CA HIS B 193 -11.52 -23.69 22.15
C HIS B 193 -11.46 -23.06 23.53
N THR B 194 -10.25 -23.03 24.08
CA THR B 194 -9.98 -22.28 25.31
C THR B 194 -9.57 -20.85 25.03
N GLY B 195 -9.51 -20.45 23.76
CA GLY B 195 -9.09 -19.11 23.42
C GLY B 195 -9.56 -18.76 22.02
N ASP B 196 -9.08 -17.64 21.53
CA ASP B 196 -9.49 -17.15 20.22
C ASP B 196 -9.29 -18.24 19.17
N VAL B 197 -10.21 -18.32 18.21
CA VAL B 197 -10.03 -19.15 17.03
C VAL B 197 -9.38 -18.29 15.95
N MET B 198 -8.05 -18.23 15.95
CA MET B 198 -7.34 -17.21 15.19
C MET B 198 -7.36 -17.44 13.69
N SER B 199 -7.50 -18.69 13.23
CA SER B 199 -7.45 -18.92 11.79
C SER B 199 -8.09 -20.26 11.45
N LEU B 200 -8.46 -20.40 10.17
CA LEU B 200 -9.39 -21.40 9.72
C LEU B 200 -9.09 -21.80 8.28
N SER B 201 -9.51 -23.00 7.90
CA SER B 201 -9.43 -23.44 6.51
C SER B 201 -10.39 -24.60 6.27
N LEU B 202 -11.26 -24.46 5.29
CA LEU B 202 -12.13 -25.54 4.85
C LEU B 202 -11.36 -26.54 3.99
N ALA B 203 -11.65 -27.82 4.17
CA ALA B 203 -10.97 -28.88 3.46
C ALA B 203 -11.37 -28.90 1.99
N PRO B 204 -10.60 -29.60 1.15
CA PRO B 204 -10.92 -29.60 -0.30
C PRO B 204 -12.35 -30.01 -0.64
N ASP B 205 -12.91 -30.99 0.06
CA ASP B 205 -14.28 -31.43 -0.19
C ASP B 205 -15.30 -30.68 0.66
N THR B 206 -14.86 -29.77 1.53
CA THR B 206 -15.70 -28.93 2.37
C THR B 206 -16.61 -29.71 3.30
N ARG B 207 -16.39 -31.01 3.46
CA ARG B 207 -17.17 -31.75 4.44
C ARG B 207 -16.70 -31.48 5.86
N LEU B 208 -15.46 -31.04 6.05
CA LEU B 208 -14.92 -30.75 7.36
C LEU B 208 -13.80 -29.71 7.25
N PHE B 209 -13.52 -29.03 8.36
CA PHE B 209 -12.56 -27.94 8.36
C PHE B 209 -11.81 -27.93 9.69
N VAL B 210 -10.65 -27.24 9.69
CA VAL B 210 -9.83 -27.12 10.88
C VAL B 210 -9.69 -25.65 11.24
N SER B 211 -9.44 -25.39 12.52
CA SER B 211 -9.24 -24.04 13.03
C SER B 211 -8.09 -24.07 14.03
N GLY B 212 -7.14 -23.15 13.88
CA GLY B 212 -6.05 -23.01 14.82
C GLY B 212 -6.35 -21.90 15.82
N ALA B 213 -6.20 -22.23 17.09
CA ALA B 213 -6.67 -21.39 18.18
C ALA B 213 -5.50 -20.81 18.95
N CYS B 214 -5.79 -19.72 19.67
CA CYS B 214 -4.81 -19.04 20.51
C CYS B 214 -4.55 -19.76 21.82
N ASP B 215 -5.13 -20.95 22.03
CA ASP B 215 -4.71 -21.83 23.10
C ASP B 215 -3.73 -22.89 22.62
N ALA B 216 -3.20 -22.73 21.41
CA ALA B 216 -2.14 -23.55 20.83
C ALA B 216 -2.64 -24.93 20.40
N SER B 217 -3.94 -25.19 20.43
CA SER B 217 -4.50 -26.39 19.83
C SER B 217 -5.16 -26.06 18.51
N ALA B 218 -5.22 -27.06 17.63
CA ALA B 218 -5.99 -26.99 16.41
C ALA B 218 -6.98 -28.14 16.40
N LYS B 219 -8.23 -27.85 16.05
CA LYS B 219 -9.30 -28.82 16.14
C LYS B 219 -9.91 -29.07 14.77
N LEU B 220 -10.44 -30.28 14.60
CA LEU B 220 -11.07 -30.72 13.36
C LEU B 220 -12.59 -30.79 13.57
N TRP B 221 -13.33 -30.11 12.70
CA TRP B 221 -14.76 -29.92 12.86
C TRP B 221 -15.48 -30.62 11.72
N ASP B 222 -16.72 -31.03 11.97
CA ASP B 222 -17.61 -31.55 10.93
C ASP B 222 -18.73 -30.55 10.72
N VAL B 223 -18.85 -30.01 9.51
CA VAL B 223 -19.81 -28.93 9.27
C VAL B 223 -21.24 -29.42 9.10
N ARG B 224 -21.46 -30.72 8.97
CA ARG B 224 -22.81 -31.26 8.95
C ARG B 224 -23.25 -31.71 10.35
N GLU B 225 -22.40 -32.45 11.05
CA GLU B 225 -22.72 -32.94 12.38
C GLU B 225 -22.49 -31.89 13.47
N GLY B 226 -21.74 -30.83 13.18
CA GLY B 226 -21.60 -29.73 14.10
C GLY B 226 -20.72 -29.97 15.31
N MET B 227 -19.88 -31.02 15.30
CA MET B 227 -19.13 -31.40 16.47
C MET B 227 -17.65 -31.51 16.16
N CYS B 228 -16.83 -31.33 17.19
CA CYS B 228 -15.38 -31.49 17.06
C CYS B 228 -15.05 -32.96 16.93
N ARG B 229 -14.34 -33.33 15.86
CA ARG B 229 -14.08 -34.74 15.57
C ARG B 229 -12.70 -35.19 16.04
N GLN B 230 -11.72 -34.28 16.08
CA GLN B 230 -10.40 -34.58 16.62
C GLN B 230 -9.76 -33.28 17.10
N THR B 231 -8.78 -33.42 17.99
CA THR B 231 -8.05 -32.28 18.53
C THR B 231 -6.56 -32.55 18.47
N PHE B 232 -5.81 -31.60 17.92
CA PHE B 232 -4.37 -31.72 17.69
C PHE B 232 -3.64 -30.65 18.49
N THR B 233 -2.53 -31.04 19.12
CA THR B 233 -1.75 -30.10 19.93
C THR B 233 -0.27 -30.42 19.82
N GLY B 234 0.57 -29.51 20.32
CA GLY B 234 2.00 -29.62 20.11
C GLY B 234 2.75 -28.30 19.99
N HIS B 235 2.06 -27.20 19.73
CA HIS B 235 2.69 -25.89 19.81
C HIS B 235 2.79 -25.42 21.25
N GLU B 236 3.76 -24.54 21.51
CA GLU B 236 3.87 -23.87 22.80
C GLU B 236 3.12 -22.55 22.84
N SER B 237 2.63 -22.05 21.70
CA SER B 237 2.06 -20.71 21.67
C SER B 237 1.03 -20.63 20.56
N ASP B 238 0.40 -19.47 20.46
CA ASP B 238 -0.77 -19.31 19.61
C ASP B 238 -0.49 -19.73 18.17
N ILE B 239 -1.49 -20.34 17.53
CA ILE B 239 -1.42 -20.73 16.14
C ILE B 239 -2.00 -19.61 15.28
N ASN B 240 -1.15 -18.92 14.53
CA ASN B 240 -1.57 -17.79 13.74
C ASN B 240 -2.19 -18.15 12.40
N ALA B 241 -1.91 -19.33 11.86
CA ALA B 241 -2.43 -19.67 10.54
C ALA B 241 -2.35 -21.17 10.32
N ILE B 242 -3.14 -21.64 9.35
CA ILE B 242 -3.36 -23.08 9.17
C ILE B 242 -3.92 -23.32 7.78
N CYS B 243 -3.71 -24.53 7.24
CA CYS B 243 -4.41 -24.95 6.04
C CYS B 243 -4.20 -26.45 5.82
N PHE B 244 -5.08 -27.03 4.99
CA PHE B 244 -4.96 -28.43 4.61
C PHE B 244 -3.92 -28.69 3.54
N PHE B 245 -3.30 -29.86 3.65
CA PHE B 245 -2.50 -30.44 2.58
C PHE B 245 -3.43 -30.84 1.43
N PRO B 246 -3.08 -30.57 0.17
CA PRO B 246 -4.08 -30.66 -0.90
C PRO B 246 -4.83 -31.98 -0.97
N ASN B 247 -4.27 -33.07 -0.45
CA ASN B 247 -4.99 -34.33 -0.48
C ASN B 247 -6.17 -34.33 0.50
N GLY B 248 -6.17 -33.41 1.46
CA GLY B 248 -7.22 -33.36 2.47
C GLY B 248 -7.02 -34.30 3.63
N ASN B 249 -5.95 -35.11 3.63
CA ASN B 249 -5.68 -36.05 4.71
C ASN B 249 -4.61 -35.55 5.66
N ALA B 250 -4.07 -34.34 5.46
CA ALA B 250 -3.11 -33.75 6.37
C ALA B 250 -3.30 -32.25 6.39
N PHE B 251 -2.85 -31.60 7.45
CA PHE B 251 -2.86 -30.15 7.51
C PHE B 251 -1.63 -29.66 8.25
N ALA B 252 -1.32 -28.38 8.06
CA ALA B 252 -0.12 -27.78 8.63
C ALA B 252 -0.43 -26.42 9.22
N THR B 253 0.14 -26.13 10.39
CA THR B 253 -0.19 -24.95 11.16
C THR B 253 1.07 -24.21 11.55
N GLY B 254 0.98 -22.89 11.66
CA GLY B 254 2.13 -22.07 12.00
C GLY B 254 1.91 -21.21 13.23
N SER B 255 2.80 -21.33 14.20
CA SER B 255 2.59 -20.70 15.50
C SER B 255 3.39 -19.41 15.64
N ASP B 256 3.03 -18.64 16.67
CA ASP B 256 3.91 -17.58 17.15
C ASP B 256 5.15 -18.13 17.82
N ASP B 257 5.24 -19.44 18.01
CA ASP B 257 6.44 -20.11 18.49
C ASP B 257 7.48 -20.26 17.39
N ALA B 258 7.31 -19.57 16.27
CA ALA B 258 8.32 -19.51 15.22
C ALA B 258 8.56 -20.87 14.59
N THR B 259 7.51 -21.67 14.44
CA THR B 259 7.67 -22.94 13.76
C THR B 259 6.34 -23.38 13.15
N CYS B 260 6.43 -24.21 12.13
CA CYS B 260 5.28 -24.82 11.48
C CYS B 260 5.31 -26.32 11.74
N ARG B 261 4.14 -26.94 11.77
CA ARG B 261 4.03 -28.38 11.94
C ARG B 261 3.05 -28.96 10.94
N LEU B 262 3.27 -30.23 10.60
CA LEU B 262 2.41 -31.01 9.72
C LEU B 262 1.72 -32.09 10.54
N PHE B 263 0.40 -32.06 10.57
CA PHE B 263 -0.41 -33.01 11.32
C PHE B 263 -1.14 -33.94 10.35
N ASP B 264 -1.30 -35.19 10.75
CA ASP B 264 -1.99 -36.17 9.91
C ASP B 264 -3.36 -36.49 10.51
N LEU B 265 -4.38 -36.48 9.66
CA LEU B 265 -5.75 -36.67 10.14
C LEU B 265 -5.97 -38.10 10.64
N ARG B 266 -5.47 -39.09 9.91
CA ARG B 266 -5.72 -40.49 10.26
C ARG B 266 -4.79 -41.02 11.34
N ALA B 267 -3.59 -40.45 11.47
CA ALA B 267 -2.69 -40.83 12.55
C ALA B 267 -2.84 -39.94 13.77
N ASP B 268 -3.64 -38.88 13.69
CA ASP B 268 -4.03 -38.11 14.87
C ASP B 268 -2.84 -37.46 15.55
N GLN B 269 -1.78 -37.14 14.81
CA GLN B 269 -0.59 -36.62 15.47
C GLN B 269 0.30 -35.91 14.47
N GLU B 270 1.24 -35.14 15.02
CA GLU B 270 2.17 -34.37 14.23
C GLU B 270 3.18 -35.29 13.56
N LEU B 271 3.38 -35.10 12.26
CA LEU B 271 4.31 -35.91 11.48
C LEU B 271 5.71 -35.30 11.39
N MET B 272 5.80 -33.97 11.21
CA MET B 272 7.09 -33.33 11.03
C MET B 272 7.01 -31.91 11.56
N THR B 273 8.18 -31.31 11.77
CA THR B 273 8.29 -29.97 12.33
C THR B 273 9.29 -29.18 11.50
N TYR B 274 8.94 -27.93 11.19
CA TYR B 274 9.74 -27.07 10.33
C TYR B 274 10.26 -25.89 11.16
N SER B 275 11.57 -25.84 11.37
CA SER B 275 12.19 -24.80 12.18
C SER B 275 13.66 -24.73 11.85
N HIS B 276 14.30 -23.62 12.26
CA HIS B 276 15.73 -23.47 12.11
C HIS B 276 16.20 -22.48 13.18
N ASP B 277 17.44 -22.65 13.63
CA ASP B 277 17.91 -21.88 14.79
C ASP B 277 17.93 -20.38 14.52
N ASN B 278 18.10 -19.98 13.26
CA ASN B 278 18.18 -18.57 12.91
C ASN B 278 16.81 -17.89 12.81
N ILE B 279 15.73 -18.62 13.12
CA ILE B 279 14.37 -18.12 12.95
C ILE B 279 13.74 -17.96 14.32
N ILE B 280 13.27 -16.75 14.63
CA ILE B 280 12.67 -16.46 15.93
C ILE B 280 11.34 -15.73 15.79
N CYS B 281 11.02 -15.24 14.59
CA CYS B 281 9.77 -14.53 14.39
C CYS B 281 8.60 -15.50 14.21
N GLY B 282 7.41 -15.02 14.53
CA GLY B 282 6.23 -15.84 14.41
C GLY B 282 5.78 -16.00 12.97
N ILE B 283 5.13 -17.12 12.69
CA ILE B 283 4.48 -17.33 11.40
C ILE B 283 3.27 -16.41 11.30
N THR B 284 2.93 -16.04 10.07
CA THR B 284 1.67 -15.34 9.80
C THR B 284 0.83 -16.00 8.72
N SER B 285 1.40 -16.85 7.87
CA SER B 285 0.60 -17.76 7.07
C SER B 285 1.45 -18.96 6.69
N VAL B 286 0.78 -20.08 6.42
CA VAL B 286 1.46 -21.31 5.98
C VAL B 286 0.60 -22.01 4.94
N SER B 287 1.06 -22.03 3.68
CA SER B 287 0.25 -22.52 2.58
C SER B 287 1.04 -23.45 1.68
N PHE B 288 0.44 -24.58 1.32
CA PHE B 288 1.06 -25.58 0.46
C PHE B 288 0.99 -25.18 -1.02
N SER B 289 1.86 -25.81 -1.79
CA SER B 289 1.79 -25.79 -3.25
C SER B 289 0.90 -26.93 -3.75
N LYS B 290 0.62 -26.90 -5.06
CA LYS B 290 -0.41 -27.77 -5.62
C LYS B 290 -0.05 -29.24 -5.50
N SER B 291 1.25 -29.58 -5.57
CA SER B 291 1.63 -30.97 -5.35
C SER B 291 1.65 -31.35 -3.87
N GLY B 292 1.63 -30.37 -2.96
CA GLY B 292 1.84 -30.63 -1.56
C GLY B 292 3.30 -30.71 -1.17
N ARG B 293 4.22 -30.79 -2.14
CA ARG B 293 5.63 -30.99 -1.85
C ARG B 293 6.28 -29.76 -1.26
N LEU B 294 5.75 -28.56 -1.50
CA LEU B 294 6.28 -27.34 -0.91
C LEU B 294 5.28 -26.77 0.08
N LEU B 295 5.78 -26.32 1.24
CA LEU B 295 5.01 -25.54 2.21
C LEU B 295 5.64 -24.16 2.32
N LEU B 296 4.90 -23.13 1.95
CA LEU B 296 5.39 -21.76 1.96
C LEU B 296 4.86 -21.06 3.20
N ALA B 297 5.76 -20.49 4.00
CA ALA B 297 5.42 -19.91 5.30
C ALA B 297 5.89 -18.47 5.35
N GLY B 298 4.99 -17.57 5.75
CA GLY B 298 5.31 -16.16 5.88
C GLY B 298 5.63 -15.83 7.34
N TYR B 299 6.68 -15.04 7.52
CA TYR B 299 7.22 -14.76 8.85
C TYR B 299 7.14 -13.28 9.18
N ASP B 300 7.04 -13.00 10.47
CA ASP B 300 7.07 -11.63 10.95
C ASP B 300 8.42 -10.95 10.70
N ASP B 301 9.45 -11.71 10.34
CA ASP B 301 10.79 -11.17 10.19
C ASP B 301 10.96 -10.53 8.81
N PHE B 302 9.85 -10.20 8.17
CA PHE B 302 9.77 -9.63 6.83
C PHE B 302 10.06 -10.68 5.76
N ASN B 303 10.57 -11.84 6.14
CA ASN B 303 10.89 -12.83 5.11
C ASN B 303 9.75 -13.81 4.94
N CYS B 304 9.84 -14.58 3.87
CA CYS B 304 9.00 -15.73 3.64
C CYS B 304 9.88 -16.88 3.19
N ASN B 305 9.67 -18.07 3.75
CA ASN B 305 10.50 -19.22 3.50
C ASN B 305 9.69 -20.35 2.90
N VAL B 306 10.31 -21.09 1.99
CA VAL B 306 9.69 -22.22 1.31
C VAL B 306 10.34 -23.50 1.84
N TRP B 307 9.54 -24.38 2.41
CA TRP B 307 10.02 -25.60 3.04
C TRP B 307 9.69 -26.81 2.18
N ASP B 308 10.65 -27.70 2.01
CA ASP B 308 10.34 -29.01 1.44
C ASP B 308 9.48 -29.77 2.43
N ALA B 309 8.19 -29.90 2.12
CA ALA B 309 7.23 -30.41 3.10
C ALA B 309 7.43 -31.87 3.44
N LEU B 310 8.25 -32.60 2.67
CA LEU B 310 8.63 -33.96 3.04
C LEU B 310 9.98 -33.98 3.75
N LYS B 311 11.01 -33.42 3.13
CA LYS B 311 12.36 -33.49 3.69
C LYS B 311 12.55 -32.55 4.86
N ALA B 312 11.67 -31.55 5.01
CA ALA B 312 11.74 -30.60 6.12
C ALA B 312 13.06 -29.85 6.16
N ASP B 313 13.44 -29.25 5.03
CA ASP B 313 14.58 -28.35 4.99
C ASP B 313 14.31 -27.22 4.01
N ARG B 314 15.05 -26.12 4.17
CA ARG B 314 14.74 -24.89 3.47
C ARG B 314 14.95 -25.07 1.97
N ALA B 315 13.89 -24.86 1.19
CA ALA B 315 14.04 -24.87 -0.26
C ALA B 315 14.43 -23.50 -0.79
N GLY B 316 14.09 -22.42 -0.10
CA GLY B 316 14.45 -21.10 -0.58
C GLY B 316 13.72 -20.02 0.19
N VAL B 317 13.90 -18.80 -0.28
CA VAL B 317 13.42 -17.61 0.42
C VAL B 317 12.76 -16.66 -0.57
N LEU B 318 11.56 -16.20 -0.23
CA LEU B 318 10.81 -15.23 -1.04
C LEU B 318 10.94 -13.82 -0.46
N ALA B 319 12.16 -13.30 -0.39
CA ALA B 319 12.41 -12.05 0.32
C ALA B 319 12.17 -10.84 -0.59
N GLY B 320 11.09 -10.09 -0.34
CA GLY B 320 10.90 -8.85 -1.08
C GLY B 320 10.20 -7.69 -0.38
N HIS B 321 9.99 -7.77 0.94
CA HIS B 321 9.10 -6.83 1.63
C HIS B 321 9.86 -6.03 2.68
N ASP B 322 9.40 -4.80 2.90
CA ASP B 322 9.98 -3.90 3.88
C ASP B 322 9.30 -4.01 5.24
N ASN B 323 8.33 -4.92 5.39
CA ASN B 323 7.62 -5.10 6.64
C ASN B 323 6.99 -6.48 6.60
N ARG B 324 6.49 -6.92 7.75
CA ARG B 324 6.05 -8.31 7.89
C ARG B 324 5.03 -8.66 6.81
N VAL B 325 5.08 -9.90 6.34
CA VAL B 325 4.02 -10.42 5.49
C VAL B 325 2.82 -10.78 6.36
N SER B 326 1.64 -10.28 5.98
CA SER B 326 0.42 -10.58 6.70
C SER B 326 -0.36 -11.73 6.08
N CYS B 327 -0.07 -12.11 4.82
CA CYS B 327 -0.87 -13.12 4.15
C CYS B 327 -0.06 -13.74 3.01
N LEU B 328 -0.51 -14.91 2.57
CA LEU B 328 0.11 -15.61 1.45
C LEU B 328 -0.91 -16.54 0.83
N GLY B 329 -0.75 -16.82 -0.46
CA GLY B 329 -1.67 -17.72 -1.12
C GLY B 329 -1.28 -18.22 -2.50
N VAL B 330 -1.36 -19.53 -2.70
CA VAL B 330 -1.04 -20.17 -3.97
C VAL B 330 -2.29 -20.26 -4.82
N THR B 331 -2.16 -19.97 -6.12
CA THR B 331 -3.29 -20.05 -7.00
C THR B 331 -3.80 -21.49 -7.10
N ASP B 332 -5.05 -21.62 -7.53
CA ASP B 332 -5.66 -22.95 -7.58
C ASP B 332 -4.97 -23.86 -8.58
N ASP B 333 -4.43 -23.31 -9.66
CA ASP B 333 -3.66 -24.10 -10.60
C ASP B 333 -2.18 -24.15 -10.24
N GLY B 334 -1.79 -23.59 -9.10
CA GLY B 334 -0.42 -23.66 -8.65
C GLY B 334 0.54 -22.79 -9.41
N MET B 335 0.05 -21.90 -10.26
CA MET B 335 0.92 -21.18 -11.18
C MET B 335 1.64 -20.01 -10.53
N ALA B 336 1.22 -19.58 -9.34
CA ALA B 336 1.92 -18.49 -8.66
C ALA B 336 1.57 -18.52 -7.19
N VAL B 337 2.39 -17.82 -6.40
CA VAL B 337 2.15 -17.67 -4.96
C VAL B 337 2.24 -16.19 -4.62
N ALA B 338 1.10 -15.58 -4.33
CA ALA B 338 1.07 -14.20 -3.90
C ALA B 338 1.51 -14.05 -2.45
N THR B 339 1.95 -12.85 -2.10
CA THR B 339 2.18 -12.46 -0.71
C THR B 339 1.72 -11.03 -0.54
N GLY B 340 1.47 -10.62 0.69
CA GLY B 340 0.97 -9.26 0.90
C GLY B 340 1.49 -8.85 2.22
N SER B 341 1.91 -7.63 2.40
CA SER B 341 2.57 -7.33 3.68
C SER B 341 2.13 -6.01 4.23
N TRP B 342 2.75 -5.58 5.31
CA TRP B 342 2.22 -4.38 5.97
C TRP B 342 2.78 -3.14 5.29
N ASP B 343 3.78 -3.30 4.44
CA ASP B 343 4.22 -2.16 3.65
C ASP B 343 3.32 -1.90 2.45
N SER B 344 2.13 -2.50 2.41
CA SER B 344 1.02 -2.13 1.55
C SER B 344 1.18 -2.58 0.09
N PHE B 345 2.17 -3.41 -0.23
CA PHE B 345 2.33 -3.93 -1.59
C PHE B 345 2.13 -5.43 -1.58
N LEU B 346 1.15 -5.90 -2.34
CA LEU B 346 1.09 -7.30 -2.71
C LEU B 346 2.09 -7.58 -3.82
N LYS B 347 2.61 -8.80 -3.84
CA LYS B 347 3.62 -9.20 -4.81
C LYS B 347 3.39 -10.64 -5.22
N ILE B 348 3.47 -10.90 -6.52
CA ILE B 348 3.25 -12.24 -7.07
C ILE B 348 4.61 -12.86 -7.34
N TRP B 349 4.87 -14.02 -6.76
CA TRP B 349 6.11 -14.74 -6.97
C TRP B 349 5.86 -15.92 -7.89
N ASN B 350 6.82 -16.19 -8.77
CA ASN B 350 6.77 -17.37 -9.62
C ASN B 350 8.14 -17.75 -10.13
N ALA C 7 -22.44 -24.76 37.39
CA ALA C 7 -21.47 -24.42 36.31
C ALA C 7 -20.48 -25.54 36.05
N SER C 8 -19.54 -25.73 36.99
CA SER C 8 -18.38 -26.56 36.70
C SER C 8 -18.76 -28.01 36.45
N ILE C 9 -19.79 -28.52 37.14
CA ILE C 9 -20.17 -29.91 36.91
C ILE C 9 -20.57 -30.11 35.45
N ALA C 10 -21.41 -29.23 34.92
CA ALA C 10 -21.86 -29.38 33.53
C ALA C 10 -20.70 -29.22 32.57
N GLN C 11 -19.83 -28.24 32.80
CA GLN C 11 -18.71 -27.98 31.91
C GLN C 11 -17.74 -29.17 31.88
N ALA C 12 -17.41 -29.70 33.06
CA ALA C 12 -16.54 -30.86 33.11
C ALA C 12 -17.22 -32.09 32.51
N ARG C 13 -18.53 -32.21 32.67
CA ARG C 13 -19.24 -33.31 32.03
C ARG C 13 -19.12 -33.22 30.51
N LYS C 14 -19.27 -32.01 29.97
CA LYS C 14 -19.11 -31.84 28.53
C LYS C 14 -17.69 -32.19 28.10
N LEU C 15 -16.69 -31.75 28.87
CA LEU C 15 -15.30 -32.04 28.51
C LEU C 15 -15.03 -33.53 28.49
N VAL C 16 -15.44 -34.25 29.54
CA VAL C 16 -15.14 -35.67 29.59
C VAL C 16 -15.97 -36.43 28.55
N GLU C 17 -17.21 -36.00 28.30
CA GLU C 17 -18.00 -36.61 27.23
C GLU C 17 -17.29 -36.47 25.89
N GLN C 18 -16.77 -35.28 25.61
CA GLN C 18 -16.05 -35.06 24.35
C GLN C 18 -14.80 -35.92 24.28
N LEU C 19 -14.01 -35.94 25.36
CA LEU C 19 -12.76 -36.71 25.33
C LEU C 19 -13.04 -38.18 25.09
N LYS C 20 -14.05 -38.74 25.76
CA LYS C 20 -14.35 -40.15 25.57
C LYS C 20 -14.94 -40.44 24.20
N MET C 21 -15.83 -39.57 23.70
CA MET C 21 -16.40 -39.79 22.37
C MET C 21 -15.32 -39.71 21.30
N GLU C 22 -14.32 -38.85 21.50
CA GLU C 22 -13.26 -38.67 20.52
C GLU C 22 -12.21 -39.77 20.59
N ALA C 23 -11.94 -40.27 21.80
CA ALA C 23 -10.87 -41.26 21.95
C ALA C 23 -11.16 -42.52 21.15
N ASN C 24 -12.43 -42.80 20.88
CA ASN C 24 -12.79 -44.03 20.19
C ASN C 24 -12.36 -44.06 18.72
N ILE C 25 -11.92 -42.93 18.18
CA ILE C 25 -11.62 -42.86 16.75
C ILE C 25 -10.53 -43.87 16.38
N ASP C 26 -10.66 -44.44 15.19
CA ASP C 26 -9.67 -45.39 14.70
C ASP C 26 -8.41 -44.66 14.21
N ARG C 27 -7.25 -45.23 14.50
CA ARG C 27 -5.95 -44.62 14.19
C ARG C 27 -5.11 -45.59 13.38
N ILE C 28 -4.57 -45.11 12.25
CA ILE C 28 -3.67 -45.88 11.41
C ILE C 28 -2.23 -45.58 11.77
N LYS C 29 -1.34 -46.49 11.38
CA LYS C 29 0.08 -46.37 11.70
C LYS C 29 0.71 -45.22 10.92
N VAL C 30 1.64 -44.52 11.58
CA VAL C 30 2.27 -43.37 10.94
C VAL C 30 3.03 -43.76 9.68
N SER C 31 3.48 -45.01 9.59
CA SER C 31 4.18 -45.42 8.37
C SER C 31 3.30 -45.20 7.16
N LYS C 32 2.07 -45.72 7.20
CA LYS C 32 1.11 -45.51 6.12
C LYS C 32 0.74 -44.04 5.97
N ALA C 33 0.44 -43.38 7.10
CA ALA C 33 -0.06 -42.01 7.06
C ALA C 33 0.96 -41.04 6.48
N ALA C 34 2.25 -41.37 6.54
CA ALA C 34 3.29 -40.58 5.92
C ALA C 34 3.61 -41.04 4.51
N ALA C 35 3.61 -42.36 4.30
CA ALA C 35 3.98 -42.89 3.00
C ALA C 35 3.03 -42.42 1.93
N ASP C 36 1.72 -42.37 2.23
CA ASP C 36 0.84 -41.94 1.15
C ASP C 36 0.85 -40.43 0.94
N LEU C 37 1.31 -39.63 1.92
CA LEU C 37 1.65 -38.24 1.58
C LEU C 37 2.79 -38.20 0.58
N MET C 38 3.82 -39.03 0.78
CA MET C 38 4.88 -39.08 -0.23
C MET C 38 4.33 -39.52 -1.57
N ALA C 39 3.44 -40.52 -1.56
CA ALA C 39 2.87 -41.01 -2.81
C ALA C 39 2.09 -39.91 -3.53
N TYR C 40 1.34 -39.12 -2.77
CA TYR C 40 0.65 -37.98 -3.39
C TYR C 40 1.63 -36.99 -3.99
N CYS C 41 2.64 -36.58 -3.20
CA CYS C 41 3.57 -35.58 -3.72
C CYS C 41 4.23 -36.06 -5.00
N GLU C 42 4.64 -37.33 -5.04
CA GLU C 42 5.32 -37.84 -6.23
C GLU C 42 4.36 -38.09 -7.38
N ALA C 43 3.09 -38.36 -7.10
CA ALA C 43 2.14 -38.59 -8.19
C ALA C 43 1.80 -37.30 -8.93
N HIS C 44 1.79 -36.16 -8.21
CA HIS C 44 1.43 -34.87 -8.79
C HIS C 44 2.62 -33.93 -8.89
N ALA C 45 3.85 -34.42 -8.85
CA ALA C 45 4.98 -33.55 -9.13
C ALA C 45 4.98 -33.09 -10.59
N LYS C 46 4.26 -33.80 -11.45
CA LYS C 46 4.19 -33.42 -12.86
C LYS C 46 3.16 -32.33 -13.12
N GLU C 47 2.48 -31.83 -12.09
CA GLU C 47 1.39 -30.88 -12.24
C GLU C 47 1.54 -29.72 -11.27
N ASP C 48 2.78 -29.35 -10.94
CA ASP C 48 3.05 -28.29 -9.97
C ASP C 48 4.04 -27.32 -10.57
N PRO C 49 3.60 -26.14 -11.01
CA PRO C 49 4.53 -25.20 -11.65
C PRO C 49 5.53 -24.54 -10.71
N LEU C 50 5.42 -24.71 -9.39
CA LEU C 50 6.26 -23.94 -8.50
C LEU C 50 7.57 -24.66 -8.19
N LEU C 51 7.54 -26.01 -8.15
CA LEU C 51 8.73 -26.78 -7.82
C LEU C 51 9.57 -27.11 -9.06
N THR C 52 8.93 -27.32 -10.22
CA THR C 52 9.66 -27.36 -11.49
C THR C 52 9.36 -26.07 -12.26
N PRO C 53 10.35 -25.22 -12.54
CA PRO C 53 10.04 -23.89 -13.07
C PRO C 53 9.39 -23.97 -14.44
N VAL C 54 8.31 -23.22 -14.60
CA VAL C 54 7.54 -23.18 -15.84
C VAL C 54 8.23 -22.23 -16.82
N PRO C 55 8.41 -22.61 -18.09
CA PRO C 55 9.11 -21.73 -19.02
C PRO C 55 8.28 -20.54 -19.44
N ALA C 56 8.97 -19.50 -19.92
CA ALA C 56 8.32 -18.23 -20.21
C ALA C 56 7.28 -18.34 -21.31
N SER C 57 7.36 -19.37 -22.15
CA SER C 57 6.35 -19.52 -23.20
C SER C 57 5.04 -20.03 -22.63
N GLU C 58 5.09 -20.79 -21.54
CA GLU C 58 3.89 -21.31 -20.90
C GLU C 58 3.44 -20.47 -19.72
N ASN C 59 4.35 -19.73 -19.12
CA ASN C 59 4.09 -18.90 -17.95
C ASN C 59 3.16 -17.75 -18.27
N PRO C 60 2.04 -17.57 -17.54
CA PRO C 60 1.21 -16.38 -17.77
C PRO C 60 1.72 -15.14 -17.06
N PHE C 61 2.50 -15.28 -15.99
CA PHE C 61 3.11 -14.15 -15.30
C PHE C 61 4.49 -13.86 -15.89
N ARG C 62 4.48 -13.49 -17.17
CA ARG C 62 5.72 -13.26 -17.89
C ARG C 62 6.53 -12.13 -17.26
N ASP D 1 -36.15 -1.26 -11.23
CA ASP D 1 -35.33 -2.00 -12.24
C ASP D 1 -34.57 -1.06 -13.18
N VAL D 2 -33.57 -1.62 -13.86
CA VAL D 2 -32.75 -0.84 -14.77
C VAL D 2 -33.62 -0.26 -15.88
N GLN D 3 -33.36 0.98 -16.27
CA GLN D 3 -34.18 1.65 -17.26
C GLN D 3 -33.41 2.74 -17.97
N LEU D 4 -33.64 2.84 -19.28
CA LEU D 4 -33.10 3.90 -20.13
C LEU D 4 -34.21 4.40 -21.04
N VAL D 5 -34.40 5.71 -21.11
CA VAL D 5 -35.48 6.31 -21.89
C VAL D 5 -34.93 7.52 -22.62
N GLU D 6 -35.27 7.64 -23.91
CA GLU D 6 -34.74 8.68 -24.78
C GLU D 6 -35.87 9.55 -25.32
N SER D 7 -35.51 10.76 -25.74
CA SER D 7 -36.48 11.73 -26.24
C SER D 7 -35.84 12.61 -27.31
N GLY D 8 -36.69 13.20 -28.15
CA GLY D 8 -36.22 14.14 -29.15
C GLY D 8 -36.37 13.69 -30.59
N GLY D 9 -37.39 12.89 -30.88
CA GLY D 9 -37.56 12.36 -32.22
C GLY D 9 -38.37 13.26 -33.12
N GLY D 10 -38.96 12.65 -34.14
CA GLY D 10 -39.84 13.34 -35.07
C GLY D 10 -39.14 13.81 -36.33
N LEU D 11 -39.87 14.63 -37.08
CA LEU D 11 -39.41 15.15 -38.36
C LEU D 11 -38.45 16.33 -38.17
N VAL D 12 -37.42 16.37 -39.02
CA VAL D 12 -36.47 17.47 -39.05
C VAL D 12 -36.19 17.84 -40.49
N GLN D 13 -35.86 19.10 -40.71
CA GLN D 13 -35.52 19.57 -42.05
C GLN D 13 -34.10 19.18 -42.39
N PRO D 14 -33.84 18.58 -43.56
CA PRO D 14 -32.47 18.22 -43.92
C PRO D 14 -31.55 19.43 -43.90
N GLY D 15 -30.30 19.19 -43.50
CA GLY D 15 -29.36 20.25 -43.26
C GLY D 15 -29.51 20.92 -41.91
N GLY D 16 -30.56 20.60 -41.16
CA GLY D 16 -30.78 21.20 -39.86
C GLY D 16 -30.03 20.47 -38.76
N SER D 17 -30.53 20.62 -37.54
CA SER D 17 -29.85 20.07 -36.38
C SER D 17 -30.88 19.70 -35.31
N ARG D 18 -30.48 18.79 -34.43
CA ARG D 18 -31.32 18.27 -33.36
C ARG D 18 -30.44 17.68 -32.28
N LYS D 19 -30.89 17.80 -31.03
CA LYS D 19 -30.28 17.14 -29.88
C LYS D 19 -31.20 16.02 -29.38
N LEU D 20 -30.67 14.81 -29.29
CA LEU D 20 -31.38 13.67 -28.72
C LEU D 20 -30.79 13.34 -27.36
N SER D 21 -31.64 13.06 -26.38
CA SER D 21 -31.23 12.88 -25.00
C SER D 21 -31.69 11.53 -24.46
N CYS D 22 -30.87 10.95 -23.59
CA CYS D 22 -31.09 9.64 -22.99
C CYS D 22 -31.04 9.78 -21.48
N SER D 23 -32.11 9.35 -20.80
CA SER D 23 -32.24 9.51 -19.36
C SER D 23 -32.15 8.14 -18.70
N ALA D 24 -31.23 7.99 -17.76
CA ALA D 24 -30.86 6.70 -17.21
C ALA D 24 -31.24 6.65 -15.74
N SER D 25 -31.82 5.53 -15.32
CA SER D 25 -32.21 5.37 -13.92
C SER D 25 -32.12 3.91 -13.54
N GLY D 26 -31.91 3.68 -12.24
CA GLY D 26 -31.80 2.35 -11.70
C GLY D 26 -30.43 1.73 -11.74
N PHE D 27 -29.40 2.47 -12.17
CA PHE D 27 -28.06 1.92 -12.18
C PHE D 27 -27.02 3.03 -12.09
N ALA D 28 -25.81 2.64 -11.73
CA ALA D 28 -24.75 3.58 -11.37
C ALA D 28 -24.11 4.14 -12.64
N PHE D 29 -24.85 5.07 -13.23
CA PHE D 29 -24.55 5.56 -14.57
C PHE D 29 -23.12 6.05 -14.70
N SER D 30 -22.58 6.71 -13.68
CA SER D 30 -21.26 7.31 -13.82
C SER D 30 -20.21 6.28 -14.18
N SER D 31 -20.39 5.02 -13.76
CA SER D 31 -19.37 3.99 -13.94
C SER D 31 -19.49 3.27 -15.28
N PHE D 32 -20.55 3.50 -16.04
CA PHE D 32 -20.74 2.86 -17.34
C PHE D 32 -20.21 3.73 -18.48
N GLY D 33 -19.82 3.06 -19.56
CA GLY D 33 -19.58 3.73 -20.83
C GLY D 33 -20.79 3.50 -21.75
N MET D 34 -21.27 4.60 -22.32
CA MET D 34 -22.54 4.61 -23.03
C MET D 34 -22.32 4.75 -24.54
N HIS D 35 -23.04 3.94 -25.30
CA HIS D 35 -22.99 3.94 -26.76
C HIS D 35 -24.28 4.54 -27.31
N TRP D 36 -24.24 4.93 -28.58
CA TRP D 36 -25.43 5.17 -29.37
C TRP D 36 -25.42 4.25 -30.58
N VAL D 37 -26.56 3.62 -30.86
CA VAL D 37 -26.73 2.73 -32.00
C VAL D 37 -28.00 3.12 -32.73
N ARG D 38 -28.01 3.02 -34.06
CA ARG D 38 -29.16 3.45 -34.85
C ARG D 38 -29.57 2.39 -35.85
N GLN D 39 -30.88 2.23 -36.04
CA GLN D 39 -31.45 1.27 -36.97
C GLN D 39 -32.17 2.02 -38.07
N ALA D 40 -31.76 1.80 -39.32
CA ALA D 40 -32.44 2.41 -40.44
C ALA D 40 -33.84 1.82 -40.56
N PRO D 41 -34.75 2.53 -41.24
CA PRO D 41 -36.18 2.22 -41.07
C PRO D 41 -36.56 0.79 -41.41
N GLU D 42 -35.80 0.07 -42.24
CA GLU D 42 -36.13 -1.32 -42.52
C GLU D 42 -34.89 -2.19 -42.61
N LYS D 43 -33.84 -1.84 -41.87
CA LYS D 43 -32.54 -2.47 -42.07
C LYS D 43 -31.87 -2.78 -40.74
N GLY D 44 -30.70 -3.39 -40.84
CA GLY D 44 -29.95 -3.80 -39.67
C GLY D 44 -29.31 -2.63 -38.94
N LEU D 45 -28.77 -2.96 -37.77
CA LEU D 45 -28.21 -1.95 -36.88
C LEU D 45 -26.92 -1.36 -37.43
N GLU D 46 -26.64 -0.12 -37.04
CA GLU D 46 -25.37 0.54 -37.32
C GLU D 46 -24.96 1.40 -36.13
N TRP D 47 -23.68 1.37 -35.81
CA TRP D 47 -23.13 2.04 -34.64
C TRP D 47 -22.82 3.50 -34.96
N VAL D 48 -22.98 4.36 -33.95
CA VAL D 48 -22.94 5.81 -34.14
C VAL D 48 -21.86 6.48 -33.30
N ALA D 49 -21.89 6.27 -31.98
CA ALA D 49 -20.93 6.97 -31.13
C ALA D 49 -20.76 6.26 -29.80
N TYR D 50 -19.66 6.59 -29.12
CA TYR D 50 -19.31 6.02 -27.82
C TYR D 50 -18.69 7.10 -26.96
N ILE D 51 -18.97 7.04 -25.65
CA ILE D 51 -18.32 7.91 -24.67
C ILE D 51 -18.08 7.12 -23.40
N SER D 52 -16.84 7.11 -22.93
CA SER D 52 -16.41 6.22 -21.87
C SER D 52 -16.77 6.78 -20.50
N SER D 53 -16.44 6.02 -19.46
CA SER D 53 -16.64 6.49 -18.10
C SER D 53 -15.67 7.63 -17.79
N GLY D 54 -16.21 8.70 -17.20
CA GLY D 54 -15.42 9.88 -17.00
C GLY D 54 -15.15 10.65 -18.27
N SER D 55 -15.81 10.29 -19.37
CA SER D 55 -15.64 10.99 -20.65
C SER D 55 -14.19 11.01 -21.09
N GLY D 56 -13.43 9.97 -20.76
CA GLY D 56 -12.02 9.96 -21.11
C GLY D 56 -11.78 9.83 -22.60
N THR D 57 -12.53 8.94 -23.26
CA THR D 57 -12.40 8.75 -24.69
C THR D 57 -13.77 8.72 -25.36
N ILE D 58 -13.78 9.19 -26.60
CA ILE D 58 -14.98 9.33 -27.40
C ILE D 58 -14.65 8.92 -28.83
N TYR D 59 -15.56 8.19 -29.47
CA TYR D 59 -15.35 7.73 -30.84
C TYR D 59 -16.63 7.92 -31.65
N TYR D 60 -16.46 8.02 -32.97
CA TYR D 60 -17.58 8.21 -33.88
C TYR D 60 -17.40 7.36 -35.12
N ALA D 61 -18.53 7.01 -35.74
CA ALA D 61 -18.49 6.25 -36.98
C ALA D 61 -17.98 7.12 -38.12
N ASP D 62 -17.56 6.45 -39.20
CA ASP D 62 -16.91 7.16 -40.30
C ASP D 62 -17.83 8.19 -40.94
N THR D 63 -19.12 7.87 -41.07
CA THR D 63 -20.05 8.80 -41.69
C THR D 63 -20.58 9.84 -40.72
N VAL D 64 -20.02 9.93 -39.51
CA VAL D 64 -20.58 10.81 -38.49
C VAL D 64 -19.55 11.71 -37.83
N LYS D 65 -18.26 11.41 -37.89
CA LYS D 65 -17.28 12.18 -37.13
C LYS D 65 -17.40 13.66 -37.45
N GLY D 66 -17.55 14.48 -36.41
CA GLY D 66 -17.63 15.90 -36.55
C GLY D 66 -19.00 16.44 -36.91
N ARG D 67 -19.88 15.62 -37.49
CA ARG D 67 -21.25 16.07 -37.72
C ARG D 67 -22.10 15.93 -36.46
N PHE D 68 -21.94 14.84 -35.73
CA PHE D 68 -22.54 14.68 -34.41
C PHE D 68 -21.52 14.94 -33.31
N THR D 69 -22.01 15.00 -32.08
CA THR D 69 -21.16 15.08 -30.90
C THR D 69 -21.89 14.45 -29.73
N ILE D 70 -21.17 13.66 -28.93
CA ILE D 70 -21.74 12.91 -27.82
C ILE D 70 -21.23 13.51 -26.52
N SER D 71 -22.13 13.66 -25.55
CA SER D 71 -21.78 14.23 -24.26
C SER D 71 -22.72 13.65 -23.21
N ARG D 72 -22.31 13.74 -21.95
CA ARG D 72 -23.05 13.13 -20.87
C ARG D 72 -23.05 14.01 -19.63
N LYS D 76 -25.81 13.83 -13.44
CA LYS D 76 -27.18 14.21 -13.77
C LYS D 76 -27.90 13.07 -14.48
N ASN D 77 -27.21 11.95 -14.66
CA ASN D 77 -27.82 10.74 -15.21
C ASN D 77 -28.47 11.00 -16.57
N THR D 78 -27.80 11.74 -17.44
CA THR D 78 -28.32 12.04 -18.76
C THR D 78 -27.20 12.00 -19.80
N LEU D 79 -27.51 11.43 -20.96
CA LEU D 79 -26.60 11.39 -22.09
C LEU D 79 -27.23 12.08 -23.29
N PHE D 80 -26.39 12.76 -24.09
CA PHE D 80 -26.85 13.55 -25.23
C PHE D 80 -26.12 13.16 -26.50
N LEU D 81 -26.84 13.20 -27.62
CA LEU D 81 -26.26 13.21 -28.96
C LEU D 81 -26.69 14.49 -29.66
N GLN D 82 -25.72 15.32 -30.01
CA GLN D 82 -25.96 16.58 -30.71
C GLN D 82 -25.68 16.39 -32.19
N MET D 83 -26.70 16.58 -33.01
CA MET D 83 -26.65 16.27 -34.44
C MET D 83 -26.73 17.55 -35.24
N THR D 84 -25.80 17.73 -36.18
CA THR D 84 -25.81 18.89 -37.06
C THR D 84 -25.61 18.47 -38.52
N SER D 85 -26.25 19.21 -39.41
CA SER D 85 -26.27 18.90 -40.84
C SER D 85 -26.84 17.50 -41.09
N LEU D 86 -28.05 17.29 -40.62
CA LEU D 86 -28.74 16.01 -40.80
C LEU D 86 -29.02 15.75 -42.27
N ARG D 87 -28.47 14.67 -42.79
CA ARG D 87 -28.67 14.26 -44.17
C ARG D 87 -29.91 13.38 -44.29
N SER D 88 -30.32 13.12 -45.54
CA SER D 88 -31.43 12.22 -45.77
C SER D 88 -31.15 10.84 -45.19
N GLU D 89 -29.87 10.46 -45.08
CA GLU D 89 -29.51 9.12 -44.63
C GLU D 89 -29.58 8.96 -43.12
N ASP D 90 -29.68 10.06 -42.38
CA ASP D 90 -29.55 10.00 -40.92
C ASP D 90 -30.86 9.64 -40.22
N THR D 91 -31.92 9.32 -40.94
CA THR D 91 -33.14 8.88 -40.30
C THR D 91 -32.99 7.45 -39.80
N ALA D 92 -33.41 7.22 -38.56
CA ALA D 92 -33.28 5.92 -37.92
C ALA D 92 -33.94 5.98 -36.56
N MET D 93 -34.17 4.79 -35.99
CA MET D 93 -34.43 4.68 -34.56
C MET D 93 -33.10 4.62 -33.83
N TYR D 94 -32.90 5.51 -32.87
CA TYR D 94 -31.64 5.62 -32.13
C TYR D 94 -31.80 4.99 -30.76
N TYR D 95 -30.94 4.03 -30.45
CA TYR D 95 -30.96 3.32 -29.16
C TYR D 95 -29.79 3.76 -28.30
N CYS D 96 -30.08 4.02 -27.04
CA CYS D 96 -29.07 4.33 -26.02
C CYS D 96 -28.67 3.02 -25.34
N VAL D 97 -27.39 2.67 -25.39
CA VAL D 97 -26.92 1.35 -24.99
C VAL D 97 -25.82 1.50 -23.95
N ARG D 98 -26.00 0.86 -22.80
CA ARG D 98 -25.00 0.90 -21.75
C ARG D 98 -23.94 -0.18 -21.96
N SER D 99 -22.79 0.00 -21.30
CA SER D 99 -21.73 -0.99 -21.31
C SER D 99 -20.73 -0.66 -20.23
N ILE D 100 -20.12 -1.69 -19.65
CA ILE D 100 -19.12 -1.54 -18.61
C ILE D 100 -18.02 -2.56 -18.83
N TYR D 101 -16.77 -2.12 -18.70
CA TYR D 101 -15.62 -2.90 -19.13
C TYR D 101 -14.71 -3.22 -17.93
N TYR D 102 -14.54 -4.50 -17.67
CA TYR D 102 -13.57 -5.04 -16.73
C TYR D 102 -13.58 -6.55 -16.93
N TYR D 103 -12.61 -7.23 -16.35
CA TYR D 103 -12.52 -8.66 -16.57
C TYR D 103 -13.83 -9.34 -16.17
N GLY D 104 -14.42 -10.06 -17.11
CA GLY D 104 -15.66 -10.76 -16.86
C GLY D 104 -16.90 -9.93 -17.06
N SER D 105 -16.76 -8.65 -17.36
CA SER D 105 -17.92 -7.80 -17.58
C SER D 105 -18.63 -8.19 -18.87
N SER D 106 -19.83 -7.62 -19.07
CA SER D 106 -20.69 -7.91 -20.21
C SER D 106 -21.11 -6.62 -20.91
N PRO D 107 -20.32 -6.13 -21.87
CA PRO D 107 -20.72 -4.92 -22.59
C PRO D 107 -22.00 -5.08 -23.41
N PHE D 108 -22.63 -3.93 -23.69
CA PHE D 108 -23.85 -3.83 -24.49
C PHE D 108 -25.04 -4.57 -23.89
N ASP D 109 -25.09 -4.74 -22.58
CA ASP D 109 -26.08 -5.67 -22.03
C ASP D 109 -27.48 -5.09 -21.86
N PHE D 110 -27.67 -3.77 -21.93
CA PHE D 110 -29.02 -3.22 -21.85
C PHE D 110 -29.20 -2.06 -22.82
N TRP D 111 -30.36 -2.05 -23.49
CA TRP D 111 -30.65 -1.15 -24.60
C TRP D 111 -31.93 -0.37 -24.30
N GLY D 112 -31.84 0.96 -24.36
CA GLY D 112 -33.02 1.78 -24.21
C GLY D 112 -34.04 1.52 -25.30
N GLN D 113 -35.23 2.11 -25.12
CA GLN D 113 -36.34 1.84 -26.04
C GLN D 113 -36.20 2.59 -27.36
N GLY D 114 -35.56 3.74 -27.37
CA GLY D 114 -35.14 4.35 -28.62
C GLY D 114 -36.16 5.33 -29.19
N THR D 115 -35.63 6.36 -29.85
CA THR D 115 -36.42 7.41 -30.48
C THR D 115 -36.31 7.29 -32.00
N THR D 116 -37.45 7.42 -32.67
CA THR D 116 -37.44 7.51 -34.13
C THR D 116 -37.19 8.95 -34.56
N LEU D 117 -36.12 9.16 -35.31
CA LEU D 117 -35.81 10.44 -35.93
C LEU D 117 -35.90 10.28 -37.44
N THR D 118 -36.58 11.22 -38.10
CA THR D 118 -36.75 11.17 -39.55
C THR D 118 -36.64 12.57 -40.11
N VAL D 119 -36.36 12.65 -41.41
CA VAL D 119 -36.06 13.91 -42.07
C VAL D 119 -36.87 14.01 -43.36
N SER D 120 -37.30 15.23 -43.67
CA SER D 120 -38.17 15.49 -44.81
C SER D 120 -37.50 15.11 -46.12
N GLY D 135 -11.78 1.56 -45.50
CA GLY D 135 -11.97 0.19 -45.93
C GLY D 135 -11.23 -0.79 -45.05
N SER D 136 -10.40 -0.28 -44.13
CA SER D 136 -9.67 -1.14 -43.22
C SER D 136 -10.53 -1.64 -42.07
N ASP D 137 -11.74 -1.12 -41.91
CA ASP D 137 -12.62 -1.55 -40.84
C ASP D 137 -13.02 -3.00 -41.04
N ILE D 138 -13.28 -3.69 -39.93
CA ILE D 138 -13.62 -5.11 -39.98
C ILE D 138 -15.02 -5.26 -40.55
N VAL D 139 -15.11 -5.82 -41.74
CA VAL D 139 -16.39 -6.12 -42.37
C VAL D 139 -16.91 -7.44 -41.85
N MET D 140 -18.23 -7.57 -41.75
CA MET D 140 -18.85 -8.79 -41.26
C MET D 140 -20.09 -9.13 -42.08
N THR D 141 -20.30 -10.43 -42.29
CA THR D 141 -21.39 -10.95 -43.12
C THR D 141 -22.13 -12.05 -42.38
N GLN D 142 -23.45 -12.08 -42.52
CA GLN D 142 -24.26 -13.21 -42.09
C GLN D 142 -24.84 -13.89 -43.33
N ALA D 143 -24.60 -15.20 -43.44
CA ALA D 143 -24.74 -15.90 -44.71
C ALA D 143 -26.20 -16.08 -45.15
N THR D 144 -27.16 -16.00 -44.23
CA THR D 144 -28.55 -16.26 -44.55
C THR D 144 -29.41 -15.11 -44.08
N SER D 145 -30.30 -14.65 -44.95
CA SER D 145 -31.17 -13.52 -44.60
C SER D 145 -32.33 -13.95 -43.72
N SER D 146 -32.91 -15.12 -43.96
CA SER D 146 -33.93 -15.63 -43.05
C SER D 146 -33.94 -17.15 -43.08
N VAL D 147 -34.33 -17.74 -41.95
CA VAL D 147 -34.41 -19.18 -41.77
C VAL D 147 -35.83 -19.53 -41.34
N PRO D 148 -36.54 -20.40 -42.06
CA PRO D 148 -37.85 -20.85 -41.57
C PRO D 148 -37.70 -21.97 -40.54
N VAL D 149 -38.42 -21.85 -39.42
CA VAL D 149 -38.25 -22.74 -38.30
C VAL D 149 -39.52 -22.75 -37.45
N THR D 150 -39.71 -23.83 -36.71
CA THR D 150 -40.90 -24.05 -35.89
C THR D 150 -40.50 -24.56 -34.51
N PRO D 151 -41.36 -24.37 -33.51
CA PRO D 151 -40.98 -24.72 -32.13
C PRO D 151 -40.64 -26.19 -31.98
N GLY D 152 -39.72 -26.45 -31.05
CA GLY D 152 -39.23 -27.79 -30.80
C GLY D 152 -38.10 -28.21 -31.70
N GLU D 153 -37.92 -27.55 -32.84
CA GLU D 153 -36.77 -27.82 -33.69
C GLU D 153 -35.52 -27.16 -33.09
N SER D 154 -34.41 -27.38 -33.78
CA SER D 154 -33.13 -26.75 -33.44
C SER D 154 -32.57 -26.11 -34.69
N VAL D 155 -31.91 -24.96 -34.51
CA VAL D 155 -31.51 -24.10 -35.62
C VAL D 155 -30.11 -23.56 -35.37
N SER D 156 -29.52 -23.03 -36.45
CA SER D 156 -28.14 -22.53 -36.43
C SER D 156 -28.05 -21.24 -37.24
N ILE D 157 -27.39 -20.22 -36.68
CA ILE D 157 -27.17 -18.95 -37.36
C ILE D 157 -25.68 -18.67 -37.33
N SER D 158 -25.12 -18.28 -38.48
CA SER D 158 -23.67 -18.20 -38.67
C SER D 158 -23.24 -16.82 -39.14
N CYS D 159 -21.97 -16.50 -38.90
CA CYS D 159 -21.44 -15.15 -39.08
C CYS D 159 -19.94 -15.25 -39.37
N ARG D 160 -19.43 -14.33 -40.20
CA ARG D 160 -18.03 -14.33 -40.59
C ARG D 160 -17.49 -12.91 -40.64
N SER D 161 -16.17 -12.77 -40.51
CA SER D 161 -15.52 -11.47 -40.48
C SER D 161 -14.33 -11.44 -41.44
N SER D 162 -13.99 -10.24 -41.90
CA SER D 162 -12.86 -10.08 -42.81
C SER D 162 -11.53 -10.21 -42.09
N LYS D 163 -11.47 -9.86 -40.80
CA LYS D 163 -10.27 -10.04 -40.00
C LYS D 163 -10.61 -10.91 -38.79
N SER D 164 -9.63 -11.69 -38.36
CA SER D 164 -9.85 -12.62 -37.26
C SER D 164 -10.04 -11.88 -35.96
N LEU D 165 -11.00 -12.35 -35.16
CA LEU D 165 -11.34 -11.71 -33.88
C LEU D 165 -10.63 -12.33 -32.69
N LEU D 166 -10.03 -13.51 -32.83
CA LEU D 166 -9.38 -14.18 -31.71
C LEU D 166 -8.07 -13.48 -31.37
N HIS D 167 -8.10 -12.62 -30.36
CA HIS D 167 -6.98 -11.72 -30.06
C HIS D 167 -5.90 -12.43 -29.24
N SER D 168 -4.75 -11.77 -29.16
CA SER D 168 -3.59 -12.35 -28.50
C SER D 168 -3.85 -12.66 -27.03
N ASN D 169 -4.64 -11.85 -26.34
CA ASN D 169 -4.95 -12.14 -24.94
C ASN D 169 -5.94 -13.29 -24.79
N GLY D 170 -6.34 -13.93 -25.88
CA GLY D 170 -7.08 -15.18 -25.84
C GLY D 170 -8.57 -15.02 -26.05
N ASN D 171 -9.12 -13.84 -25.86
CA ASN D 171 -10.53 -13.61 -26.08
C ASN D 171 -10.82 -13.53 -27.58
N THR D 172 -12.05 -13.86 -27.95
CA THR D 172 -12.55 -13.62 -29.31
C THR D 172 -13.80 -12.77 -29.21
N TYR D 173 -13.69 -11.52 -29.64
CA TYR D 173 -14.67 -10.47 -29.37
C TYR D 173 -15.87 -10.44 -30.32
N LEU D 174 -16.61 -11.54 -30.44
CA LEU D 174 -17.89 -11.52 -31.15
C LEU D 174 -19.03 -11.49 -30.14
N TYR D 175 -20.03 -10.65 -30.42
CA TYR D 175 -21.21 -10.52 -29.60
C TYR D 175 -22.43 -10.83 -30.47
N TRP D 176 -23.45 -11.45 -29.87
CA TRP D 176 -24.68 -11.78 -30.57
C TRP D 176 -25.87 -11.11 -29.88
N PHE D 177 -26.76 -10.51 -30.67
CA PHE D 177 -27.96 -9.86 -30.18
C PHE D 177 -29.21 -10.44 -30.84
N LEU D 178 -30.31 -10.42 -30.10
CA LEU D 178 -31.63 -10.80 -30.61
C LEU D 178 -32.55 -9.59 -30.55
N GLN D 179 -33.15 -9.25 -31.69
CA GLN D 179 -34.21 -8.25 -31.74
C GLN D 179 -35.54 -8.94 -32.05
N ARG D 180 -36.38 -9.05 -31.03
CA ARG D 180 -37.75 -9.46 -31.26
C ARG D 180 -38.54 -8.29 -31.87
N PRO D 181 -39.50 -8.58 -32.75
CA PRO D 181 -40.21 -7.48 -33.43
C PRO D 181 -40.85 -6.53 -32.44
N GLY D 182 -40.52 -5.25 -32.57
CA GLY D 182 -41.07 -4.24 -31.69
C GLY D 182 -40.37 -4.08 -30.36
N GLN D 183 -39.15 -4.58 -30.23
CA GLN D 183 -38.38 -4.43 -29.01
C GLN D 183 -36.98 -3.93 -29.33
N SER D 184 -36.35 -3.32 -28.33
CA SER D 184 -34.94 -3.03 -28.46
C SER D 184 -34.13 -4.33 -28.26
N PRO D 185 -33.00 -4.46 -28.94
CA PRO D 185 -32.27 -5.74 -28.92
C PRO D 185 -31.87 -6.17 -27.52
N GLN D 186 -31.76 -7.48 -27.34
CA GLN D 186 -31.26 -8.09 -26.11
C GLN D 186 -29.96 -8.81 -26.41
N LEU D 187 -28.98 -8.67 -25.52
CA LEU D 187 -27.72 -9.37 -25.65
C LEU D 187 -27.90 -10.84 -25.30
N LEU D 188 -27.48 -11.74 -26.19
CA LEU D 188 -27.63 -13.18 -25.99
C LEU D 188 -26.31 -13.86 -25.65
N ILE D 189 -25.25 -13.59 -26.40
CA ILE D 189 -23.95 -14.20 -26.23
C ILE D 189 -22.92 -13.09 -26.25
N TYR D 190 -21.88 -13.19 -25.42
CA TYR D 190 -20.80 -12.22 -25.45
C TYR D 190 -19.44 -12.89 -25.46
N ARG D 191 -18.51 -12.23 -26.15
CA ARG D 191 -17.21 -12.80 -26.49
C ARG D 191 -17.36 -14.25 -26.93
N MET D 192 -18.30 -14.46 -27.84
CA MET D 192 -18.43 -15.63 -28.70
C MET D 192 -18.73 -16.92 -27.95
N SER D 193 -18.70 -16.94 -26.62
CA SER D 193 -19.10 -18.16 -25.94
C SER D 193 -20.03 -17.91 -24.75
N ASN D 194 -19.77 -16.84 -24.00
CA ASN D 194 -20.43 -16.65 -22.72
C ASN D 194 -21.89 -16.28 -22.91
N LEU D 195 -22.75 -16.81 -22.05
CA LEU D 195 -24.18 -16.57 -22.12
C LEU D 195 -24.56 -15.42 -21.20
N ALA D 196 -25.30 -14.46 -21.75
CA ALA D 196 -25.68 -13.28 -20.98
C ALA D 196 -26.67 -13.63 -19.88
N SER D 197 -26.58 -12.91 -18.78
CA SER D 197 -27.40 -13.21 -17.61
C SER D 197 -28.88 -12.99 -17.91
N GLY D 198 -29.71 -13.94 -17.48
CA GLY D 198 -31.13 -13.91 -17.73
C GLY D 198 -31.54 -14.54 -19.04
N VAL D 199 -30.59 -14.93 -19.88
CA VAL D 199 -30.90 -15.59 -21.15
C VAL D 199 -31.15 -17.07 -20.91
N PRO D 200 -32.18 -17.66 -21.51
CA PRO D 200 -32.38 -19.10 -21.35
C PRO D 200 -31.20 -19.91 -21.89
N ASP D 201 -31.00 -21.07 -21.30
CA ASP D 201 -29.89 -21.96 -21.62
C ASP D 201 -30.02 -22.60 -23.00
N ARG D 202 -31.13 -22.38 -23.71
CA ARG D 202 -31.28 -22.99 -25.03
C ARG D 202 -30.23 -22.48 -26.00
N PHE D 203 -29.74 -21.26 -25.79
CA PHE D 203 -28.77 -20.65 -26.69
C PHE D 203 -27.35 -21.09 -26.36
N SER D 204 -26.49 -21.07 -27.39
CA SER D 204 -25.07 -21.35 -27.18
C SER D 204 -24.26 -20.73 -28.30
N GLY D 205 -23.08 -20.20 -27.94
CA GLY D 205 -22.13 -19.75 -28.94
C GLY D 205 -21.20 -20.86 -29.37
N SER D 206 -20.55 -20.65 -30.51
CA SER D 206 -19.67 -21.67 -31.07
C SER D 206 -18.77 -21.04 -32.12
N GLY D 207 -17.76 -21.81 -32.53
CA GLY D 207 -16.84 -21.38 -33.56
C GLY D 207 -15.72 -20.53 -32.99
N SER D 208 -14.70 -20.35 -33.82
CA SER D 208 -13.50 -19.63 -33.36
C SER D 208 -12.77 -19.04 -34.55
N GLY D 209 -11.93 -18.06 -34.24
CA GLY D 209 -11.03 -17.46 -35.19
C GLY D 209 -11.68 -16.44 -36.12
N THR D 210 -12.40 -16.92 -37.12
CA THR D 210 -12.90 -16.01 -38.16
C THR D 210 -14.34 -16.30 -38.56
N ALA D 211 -14.87 -17.45 -38.14
CA ALA D 211 -16.25 -17.81 -38.41
C ALA D 211 -16.92 -18.30 -37.14
N PHE D 212 -18.16 -17.89 -36.94
CA PHE D 212 -18.85 -18.02 -35.65
C PHE D 212 -20.26 -18.53 -35.90
N THR D 213 -20.87 -19.09 -34.85
CA THR D 213 -22.18 -19.73 -35.00
C THR D 213 -22.92 -19.74 -33.67
N LEU D 214 -24.12 -19.16 -33.65
CA LEU D 214 -25.06 -19.37 -32.56
C LEU D 214 -25.88 -20.62 -32.83
N THR D 215 -25.99 -21.49 -31.82
CA THR D 215 -26.81 -22.68 -31.90
C THR D 215 -28.01 -22.55 -30.97
N ILE D 216 -29.20 -22.76 -31.50
CA ILE D 216 -30.43 -22.74 -30.73
C ILE D 216 -30.96 -24.16 -30.66
N SER D 217 -31.00 -24.71 -29.45
CA SER D 217 -31.49 -26.06 -29.21
C SER D 217 -32.89 -25.97 -28.61
N ARG D 218 -33.83 -26.69 -29.22
CA ARG D 218 -35.22 -26.69 -28.77
C ARG D 218 -35.81 -25.27 -28.82
N LEU D 219 -35.90 -24.76 -30.05
CA LEU D 219 -36.38 -23.41 -30.28
C LEU D 219 -37.82 -23.24 -29.83
N GLU D 220 -38.18 -22.02 -29.48
CA GLU D 220 -39.51 -21.67 -29.01
C GLU D 220 -39.98 -20.41 -29.72
N ALA D 221 -41.29 -20.15 -29.62
CA ALA D 221 -41.85 -18.96 -30.24
C ALA D 221 -41.22 -17.69 -29.68
N GLU D 222 -40.70 -17.74 -28.46
CA GLU D 222 -40.03 -16.59 -27.88
C GLU D 222 -38.71 -16.28 -28.56
N ASP D 223 -38.18 -17.19 -29.38
CA ASP D 223 -36.91 -16.99 -30.04
C ASP D 223 -37.05 -16.46 -31.46
N VAL D 224 -38.28 -16.21 -31.91
CA VAL D 224 -38.50 -15.71 -33.26
C VAL D 224 -38.11 -14.24 -33.31
N GLY D 225 -37.24 -13.90 -34.25
CA GLY D 225 -36.73 -12.54 -34.35
C GLY D 225 -35.51 -12.49 -35.24
N VAL D 226 -34.83 -11.34 -35.20
CA VAL D 226 -33.67 -11.06 -36.03
C VAL D 226 -32.42 -11.13 -35.15
N TYR D 227 -31.43 -11.89 -35.59
CA TYR D 227 -30.19 -12.08 -34.84
C TYR D 227 -29.06 -11.32 -35.53
N TYR D 228 -28.36 -10.49 -34.76
CA TYR D 228 -27.22 -9.72 -35.24
C TYR D 228 -25.96 -10.18 -34.51
N CYS D 229 -24.93 -10.54 -35.28
CA CYS D 229 -23.59 -10.67 -34.71
C CYS D 229 -22.88 -9.33 -34.76
N MET D 230 -21.82 -9.20 -33.97
CA MET D 230 -21.11 -7.93 -33.87
C MET D 230 -19.67 -8.19 -33.44
N GLN D 231 -18.75 -7.41 -33.99
CA GLN D 231 -17.39 -7.43 -33.50
C GLN D 231 -17.15 -6.27 -32.56
N HIS D 232 -16.32 -6.50 -31.56
CA HIS D 232 -15.90 -5.47 -30.63
C HIS D 232 -14.39 -5.37 -30.54
N LEU D 233 -13.67 -6.00 -31.47
CA LEU D 233 -12.21 -5.99 -31.42
C LEU D 233 -11.67 -4.58 -31.56
N GLU D 234 -12.26 -3.77 -32.43
CA GLU D 234 -11.82 -2.39 -32.56
C GLU D 234 -12.90 -1.55 -33.20
N TYR D 235 -12.83 -0.25 -32.93
CA TYR D 235 -13.77 0.70 -33.48
C TYR D 235 -13.39 1.06 -34.92
N PRO D 236 -14.38 1.38 -35.77
CA PRO D 236 -15.82 1.42 -35.51
C PRO D 236 -16.41 0.02 -35.45
N LEU D 237 -17.34 -0.18 -34.52
CA LEU D 237 -17.93 -1.49 -34.31
C LEU D 237 -18.85 -1.83 -35.47
N THR D 238 -18.80 -3.09 -35.91
CA THR D 238 -19.53 -3.53 -37.09
C THR D 238 -20.57 -4.56 -36.67
N PHE D 239 -21.82 -4.30 -37.02
CA PHE D 239 -22.90 -5.27 -36.88
C PHE D 239 -23.12 -6.03 -38.18
N GLY D 240 -23.52 -7.28 -38.05
CA GLY D 240 -23.88 -8.06 -39.21
C GLY D 240 -25.19 -7.60 -39.83
N ALA D 241 -25.47 -8.14 -41.01
CA ALA D 241 -26.68 -7.75 -41.73
C ALA D 241 -27.95 -8.27 -41.07
N GLY D 242 -27.85 -9.28 -40.21
CA GLY D 242 -29.00 -9.75 -39.49
C GLY D 242 -29.73 -10.90 -40.15
N THR D 243 -30.06 -11.93 -39.37
CA THR D 243 -30.74 -13.12 -39.85
C THR D 243 -32.07 -13.24 -39.14
N LYS D 244 -33.15 -13.31 -39.91
CA LYS D 244 -34.50 -13.45 -39.34
C LYS D 244 -34.84 -14.93 -39.20
N LEU D 245 -34.87 -15.43 -37.97
CA LEU D 245 -35.40 -16.75 -37.68
C LEU D 245 -36.91 -16.63 -37.58
N GLU D 246 -37.61 -17.04 -38.64
CA GLU D 246 -39.00 -16.70 -38.84
C GLU D 246 -39.88 -17.94 -38.77
N LEU D 247 -41.09 -17.76 -38.22
CA LEU D 247 -41.93 -18.87 -37.79
C LEU D 247 -42.57 -19.56 -38.99
N LYS D 248 -42.37 -20.87 -39.09
CA LYS D 248 -43.00 -21.68 -40.12
C LYS D 248 -42.82 -21.07 -41.51
N ASP E 64 53.60 37.34 -11.98
CA ASP E 64 53.26 38.25 -10.86
C ASP E 64 53.21 39.68 -11.38
N HIS E 65 52.56 39.92 -12.51
CA HIS E 65 52.60 41.30 -13.08
C HIS E 65 51.22 41.75 -13.55
N PHE E 66 50.79 41.34 -14.74
CA PHE E 66 49.51 41.90 -15.23
C PHE E 66 48.98 41.06 -16.39
N LEU E 67 47.84 41.46 -16.94
CA LEU E 67 47.19 40.75 -18.04
C LEU E 67 46.17 41.64 -18.74
N GLU E 68 45.98 41.36 -20.03
CA GLU E 68 44.86 41.85 -20.84
C GLU E 68 44.04 40.67 -21.29
N ILE E 69 42.77 40.64 -20.88
CA ILE E 69 41.87 39.54 -21.21
C ILE E 69 40.44 40.02 -21.12
N ASP E 70 39.57 39.43 -21.94
CA ASP E 70 38.16 39.79 -21.97
C ASP E 70 37.99 41.29 -22.20
N LYS E 71 38.87 41.85 -23.04
CA LYS E 71 38.82 43.26 -23.40
C LYS E 71 38.97 44.17 -22.18
N LYS E 72 39.71 43.70 -21.17
CA LYS E 72 39.86 44.48 -19.96
C LYS E 72 41.20 44.18 -19.30
N ASN E 73 41.63 45.12 -18.47
CA ASN E 73 42.81 44.92 -17.65
C ASN E 73 42.49 44.00 -16.47
N CYS E 74 43.28 42.93 -16.32
CA CYS E 74 43.17 41.94 -15.24
C CYS E 74 44.56 41.71 -14.64
N CYS E 75 44.62 41.10 -13.46
CA CYS E 75 45.91 40.74 -12.89
C CYS E 75 45.86 39.42 -12.13
N VAL E 76 47.04 38.77 -12.03
CA VAL E 76 47.21 37.46 -11.42
C VAL E 76 48.62 37.37 -10.85
N PHE E 77 48.81 36.53 -9.82
CA PHE E 77 50.10 36.45 -9.12
C PHE E 77 50.42 35.02 -8.69
N ARG E 78 51.47 34.45 -9.27
CA ARG E 78 52.03 33.17 -8.85
C ARG E 78 53.03 33.34 -7.70
N ASP E 79 52.51 33.76 -6.55
CA ASP E 79 53.34 34.06 -5.40
C ASP E 79 53.95 32.79 -4.82
N ASP E 80 55.04 32.97 -4.06
CA ASP E 80 55.83 31.84 -3.58
C ASP E 80 55.08 30.99 -2.56
N PHE E 81 54.24 31.62 -1.73
CA PHE E 81 53.64 30.92 -0.59
C PHE E 81 52.59 29.90 -1.00
N ILE E 82 52.01 30.04 -2.19
CA ILE E 82 50.80 29.29 -2.54
C ILE E 82 51.09 27.80 -2.56
N VAL E 83 52.19 27.40 -3.21
CA VAL E 83 52.49 25.97 -3.25
C VAL E 83 52.89 25.48 -1.87
N LYS E 84 53.36 26.37 -1.00
CA LYS E 84 53.76 25.97 0.33
C LYS E 84 52.58 25.80 1.28
N VAL E 85 51.42 26.38 0.98
CA VAL E 85 50.30 26.27 1.91
C VAL E 85 49.07 25.63 1.28
N LEU E 86 48.64 26.13 0.10
CA LEU E 86 47.35 25.70 -0.45
C LEU E 86 47.25 24.22 -0.81
N PRO E 87 48.20 23.60 -1.50
CA PRO E 87 48.02 22.18 -1.84
C PRO E 87 47.93 21.31 -0.60
N PRO E 88 48.72 21.57 0.45
CA PRO E 88 48.50 20.82 1.71
C PRO E 88 47.09 20.98 2.27
N VAL E 89 46.61 22.22 2.42
CA VAL E 89 45.28 22.45 2.95
C VAL E 89 44.22 21.78 2.06
N LEU E 90 44.35 21.93 0.75
CA LEU E 90 43.37 21.41 -0.18
C LEU E 90 43.38 19.89 -0.19
N GLY E 91 44.56 19.27 -0.08
CA GLY E 91 44.61 17.83 0.06
C GLY E 91 43.94 17.37 1.35
N LEU E 92 44.12 18.14 2.42
CA LEU E 92 43.42 17.84 3.66
C LEU E 92 41.92 17.89 3.44
N GLU E 93 41.44 18.91 2.72
CA GLU E 93 40.01 18.97 2.40
C GLU E 93 39.59 17.78 1.55
N PHE E 94 40.44 17.36 0.61
CA PHE E 94 40.09 16.24 -0.26
C PHE E 94 39.90 14.95 0.53
N ILE E 95 40.85 14.61 1.40
CA ILE E 95 40.72 13.38 2.18
C ILE E 95 39.59 13.50 3.21
N PHE E 96 39.52 14.64 3.91
CA PHE E 96 38.47 14.81 4.90
C PHE E 96 37.09 14.75 4.26
N GLY E 97 36.96 15.28 3.05
CA GLY E 97 35.73 15.26 2.29
C GLY E 97 35.37 13.87 1.82
N LEU E 98 36.31 13.19 1.16
CA LEU E 98 35.96 11.87 0.63
C LEU E 98 35.67 10.88 1.75
N LEU E 99 36.51 10.83 2.79
CA LEU E 99 36.30 9.82 3.83
C LEU E 99 34.97 9.99 4.54
N GLY E 100 34.46 11.22 4.64
CA GLY E 100 33.15 11.41 5.26
C GLY E 100 32.02 11.28 4.27
N ASN E 101 32.09 12.05 3.18
CA ASN E 101 30.99 12.17 2.24
C ASN E 101 30.75 10.88 1.46
N GLY E 102 31.81 10.19 1.03
CA GLY E 102 31.61 8.94 0.33
C GLY E 102 30.93 7.90 1.21
N LEU E 103 31.38 7.80 2.47
CA LEU E 103 30.71 6.92 3.40
C LEU E 103 29.28 7.37 3.67
N ALA E 104 29.02 8.67 3.63
CA ALA E 104 27.64 9.14 3.79
C ALA E 104 26.76 8.67 2.64
N LEU E 105 27.28 8.75 1.40
CA LEU E 105 26.55 8.19 0.27
C LEU E 105 26.37 6.69 0.42
N TRP E 106 27.41 6.00 0.92
CA TRP E 106 27.29 4.56 1.12
C TRP E 106 26.16 4.24 2.10
N ILE E 107 26.10 4.99 3.20
CA ILE E 107 25.04 4.80 4.19
C ILE E 107 23.68 5.10 3.57
N PHE E 108 23.58 6.21 2.83
CA PHE E 108 22.30 6.58 2.24
C PHE E 108 21.83 5.56 1.22
N CYS E 109 22.74 4.79 0.62
CA CYS E 109 22.35 3.82 -0.40
C CYS E 109 22.09 2.44 0.18
N PHE E 110 22.90 1.99 1.14
CA PHE E 110 22.74 0.58 1.58
C PHE E 110 22.22 0.49 3.01
N HIS E 111 22.65 1.40 3.87
CA HIS E 111 22.25 1.28 5.27
C HIS E 111 20.82 1.75 5.49
N LEU E 112 20.45 2.90 4.92
CA LEU E 112 19.06 3.32 4.88
C LEU E 112 18.30 2.59 3.78
N LYS E 113 16.97 2.52 3.94
CA LYS E 113 16.16 1.73 3.02
C LYS E 113 14.85 2.41 2.63
N SER E 114 14.64 3.68 2.95
CA SER E 114 13.41 4.35 2.59
C SER E 114 13.65 5.85 2.60
N TRP E 115 12.69 6.60 2.06
CA TRP E 115 12.86 8.03 1.84
C TRP E 115 11.68 8.84 2.35
N LYS E 116 12.00 10.06 2.78
CA LYS E 116 11.08 11.16 2.98
C LYS E 116 11.77 12.39 2.40
N SER E 117 11.00 13.46 2.17
CA SER E 117 11.57 14.60 1.46
C SER E 117 12.84 15.10 2.12
N SER E 118 12.86 15.11 3.46
CA SER E 118 14.06 15.50 4.18
C SER E 118 15.26 14.67 3.73
N ARG E 119 15.10 13.36 3.70
CA ARG E 119 16.19 12.48 3.31
C ARG E 119 16.58 12.70 1.85
N ILE E 120 15.61 13.04 1.00
CA ILE E 120 15.92 13.36 -0.40
C ILE E 120 16.85 14.56 -0.47
N PHE E 121 16.51 15.65 0.22
CA PHE E 121 17.37 16.83 0.17
C PHE E 121 18.72 16.57 0.81
N LEU E 122 18.78 15.76 1.86
CA LEU E 122 20.07 15.45 2.45
C LEU E 122 20.94 14.64 1.48
N PHE E 123 20.33 13.71 0.74
CA PHE E 123 21.04 12.97 -0.29
C PHE E 123 21.56 13.89 -1.38
N ASN E 124 20.74 14.84 -1.82
CA ASN E 124 21.21 15.80 -2.82
C ASN E 124 22.38 16.62 -2.29
N LEU E 125 22.31 17.02 -1.02
CA LEU E 125 23.43 17.75 -0.43
C LEU E 125 24.70 16.91 -0.48
N ALA E 126 24.58 15.62 -0.13
CA ALA E 126 25.75 14.76 -0.16
C ALA E 126 26.30 14.62 -1.58
N VAL E 127 25.41 14.54 -2.57
CA VAL E 127 25.88 14.40 -3.96
C VAL E 127 26.62 15.64 -4.41
N ALA E 128 26.06 16.82 -4.12
CA ALA E 128 26.74 18.05 -4.50
C ALA E 128 28.11 18.11 -3.86
N ASP E 129 28.19 17.74 -2.58
CA ASP E 129 29.48 17.73 -1.89
C ASP E 129 30.43 16.70 -2.52
N PHE E 130 29.89 15.55 -2.95
CA PHE E 130 30.73 14.53 -3.58
C PHE E 130 31.37 15.06 -4.85
N LEU E 131 30.59 15.72 -5.70
CA LEU E 131 31.15 16.27 -6.93
C LEU E 131 32.16 17.38 -6.63
N LEU E 132 31.86 18.23 -5.64
CA LEU E 132 32.84 19.23 -5.22
C LEU E 132 34.15 18.56 -4.81
N ILE E 133 34.04 17.50 -4.00
CA ILE E 133 35.23 16.80 -3.53
C ILE E 133 35.98 16.17 -4.69
N ILE E 134 35.24 15.63 -5.66
CA ILE E 134 35.85 15.05 -6.85
C ILE E 134 36.61 16.09 -7.65
N CYS E 135 36.23 17.37 -7.53
CA CYS E 135 37.03 18.40 -8.20
C CYS E 135 38.45 18.45 -7.64
N LEU E 136 38.59 18.31 -6.33
CA LEU E 136 39.78 18.83 -5.64
C LEU E 136 41.13 18.33 -6.15
N PRO E 137 41.34 17.04 -6.45
CA PRO E 137 42.70 16.62 -6.83
C PRO E 137 43.25 17.34 -8.06
N PHE E 138 42.42 17.58 -9.05
CA PHE E 138 42.96 18.39 -10.17
C PHE E 138 43.53 19.67 -9.58
N LEU E 139 42.72 20.40 -8.80
CA LEU E 139 43.19 21.69 -8.30
C LEU E 139 44.45 21.56 -7.48
N MET E 140 44.60 20.45 -6.73
CA MET E 140 45.85 20.23 -6.03
C MET E 140 47.01 20.24 -7.03
N ASP E 141 46.85 19.49 -8.11
CA ASP E 141 47.88 19.49 -9.15
C ASP E 141 48.06 20.88 -9.75
N ASN E 142 46.94 21.58 -9.97
CA ASN E 142 47.01 22.91 -10.58
C ASN E 142 47.84 23.86 -9.74
N TYR E 143 47.64 23.86 -8.42
CA TYR E 143 48.43 24.72 -7.54
C TYR E 143 49.87 24.24 -7.45
N VAL E 144 50.10 22.92 -7.50
CA VAL E 144 51.47 22.43 -7.53
C VAL E 144 52.15 22.88 -8.82
N ARG E 145 51.42 22.85 -9.94
CA ARG E 145 51.98 23.31 -11.20
C ARG E 145 52.06 24.83 -11.30
N ARG E 146 51.76 25.57 -10.22
CA ARG E 146 51.79 27.03 -10.23
C ARG E 146 50.91 27.59 -11.35
N TRP E 147 49.71 27.02 -11.50
CA TRP E 147 48.76 27.39 -12.56
C TRP E 147 49.33 27.23 -13.97
N ASP E 148 50.18 26.24 -14.19
CA ASP E 148 50.40 25.70 -15.53
C ASP E 148 49.47 24.50 -15.70
N TRP E 149 48.28 24.75 -16.24
CA TRP E 149 47.25 23.72 -16.36
C TRP E 149 47.61 22.75 -17.49
N LYS E 150 48.06 21.56 -17.09
CA LYS E 150 48.43 20.54 -18.07
C LYS E 150 47.24 20.02 -18.85
N PHE E 151 46.11 19.78 -18.19
CA PHE E 151 45.06 18.91 -18.71
C PHE E 151 44.33 19.53 -19.89
N GLY E 152 44.54 20.81 -20.14
CA GLY E 152 44.11 21.40 -21.38
C GLY E 152 42.68 21.90 -21.37
N ASP E 153 42.21 22.18 -22.58
CA ASP E 153 41.01 22.99 -22.78
C ASP E 153 39.79 22.34 -22.14
N ILE E 154 39.37 21.17 -22.67
CA ILE E 154 38.13 20.56 -22.22
C ILE E 154 38.16 20.29 -20.72
N PRO E 155 39.21 19.67 -20.15
CA PRO E 155 39.25 19.51 -18.69
C PRO E 155 39.13 20.83 -17.94
N CYS E 156 39.79 21.90 -18.42
CA CYS E 156 39.71 23.18 -17.74
C CYS E 156 38.28 23.69 -17.68
N ARG E 157 37.60 23.70 -18.83
CA ARG E 157 36.24 24.22 -18.87
C ARG E 157 35.29 23.38 -18.02
N LEU E 158 35.33 22.05 -18.14
CA LEU E 158 34.42 21.24 -17.34
C LEU E 158 34.74 21.35 -15.85
N MET E 159 36.02 21.49 -15.49
CA MET E 159 36.38 21.59 -14.08
C MET E 159 35.89 22.89 -13.48
N LEU E 160 36.15 24.02 -14.14
CA LEU E 160 35.62 25.29 -13.64
C LEU E 160 34.10 25.22 -13.52
N PHE E 161 33.43 24.71 -14.55
CA PHE E 161 31.98 24.61 -14.51
C PHE E 161 31.52 23.82 -13.29
N MET E 162 31.97 22.56 -13.23
CA MET E 162 31.54 21.70 -12.10
C MET E 162 31.80 22.40 -10.78
N LEU E 163 33.03 22.80 -10.52
CA LEU E 163 33.39 23.30 -9.19
C LEU E 163 32.50 24.49 -8.80
N ALA E 164 32.29 25.43 -9.73
CA ALA E 164 31.38 26.53 -9.43
C ALA E 164 29.98 26.01 -9.16
N MET E 165 29.51 25.09 -10.00
CA MET E 165 28.18 24.52 -9.83
C MET E 165 28.06 23.79 -8.50
N ASN E 166 29.14 23.16 -8.04
CA ASN E 166 29.05 22.40 -6.80
C ASN E 166 29.00 23.32 -5.59
N ARG E 167 29.77 24.41 -5.57
CA ARG E 167 29.50 25.39 -4.52
C ARG E 167 28.05 25.84 -4.56
N GLN E 168 27.59 26.27 -5.74
CA GLN E 168 26.25 26.82 -5.84
C GLN E 168 25.21 25.81 -5.35
N GLY E 169 25.36 24.56 -5.76
CA GLY E 169 24.41 23.50 -5.43
C GLY E 169 24.43 23.04 -3.98
N SER E 170 25.62 22.85 -3.41
CA SER E 170 25.69 22.54 -1.99
C SER E 170 25.07 23.66 -1.17
N ILE E 171 25.28 24.91 -1.60
CA ILE E 171 24.64 26.02 -0.90
C ILE E 171 23.11 25.94 -1.04
N ILE E 172 22.62 25.60 -2.23
CA ILE E 172 21.17 25.46 -2.40
C ILE E 172 20.61 24.38 -1.48
N PHE E 173 21.30 23.25 -1.36
CA PHE E 173 20.74 22.19 -0.53
C PHE E 173 20.93 22.45 0.96
N LEU E 174 21.97 23.19 1.37
CA LEU E 174 21.96 23.74 2.73
C LEU E 174 20.73 24.59 2.97
N THR E 175 20.44 25.50 2.02
CA THR E 175 19.31 26.41 2.18
C THR E 175 18.00 25.63 2.24
N VAL E 176 17.85 24.63 1.38
CA VAL E 176 16.60 23.88 1.31
C VAL E 176 16.44 22.98 2.53
N VAL E 177 17.54 22.41 3.04
CA VAL E 177 17.46 21.67 4.28
C VAL E 177 17.01 22.57 5.42
N ALA E 178 17.50 23.82 5.45
CA ALA E 178 17.08 24.73 6.51
C ALA E 178 15.60 25.09 6.38
N VAL E 179 15.14 25.38 5.16
CA VAL E 179 13.73 25.68 4.97
C VAL E 179 12.86 24.47 5.34
N ASP E 180 13.32 23.27 4.98
CA ASP E 180 12.62 22.06 5.36
C ASP E 180 12.47 21.97 6.87
N ARG E 181 13.56 22.22 7.60
CA ARG E 181 13.49 22.16 9.05
C ARG E 181 12.52 23.22 9.59
N TYR E 182 12.54 24.42 9.01
CA TYR E 182 11.62 25.47 9.44
C TYR E 182 10.17 25.00 9.34
N PHE E 183 9.77 24.51 8.16
CA PHE E 183 8.38 24.07 8.02
C PHE E 183 8.09 22.81 8.81
N ARG E 184 9.09 21.98 9.08
CA ARG E 184 8.86 20.80 9.89
C ARG E 184 8.68 21.12 11.37
N VAL E 185 9.17 22.26 11.85
CA VAL E 185 9.12 22.57 13.28
C VAL E 185 8.24 23.78 13.56
N VAL E 186 8.26 24.80 12.70
CA VAL E 186 7.50 26.01 13.00
C VAL E 186 6.04 25.90 12.56
N HIS E 187 5.76 25.15 11.49
CA HIS E 187 4.40 25.02 10.96
C HIS E 187 4.10 23.53 10.73
N PRO E 188 4.10 22.73 11.80
CA PRO E 188 4.19 21.28 11.62
C PRO E 188 3.06 20.64 10.81
N HIS E 189 1.86 21.22 10.82
CA HIS E 189 0.74 20.62 10.11
C HIS E 189 0.66 21.03 8.64
N HIS E 190 1.54 21.93 8.20
CA HIS E 190 1.43 22.50 6.87
C HIS E 190 1.66 21.45 5.80
N ALA E 191 1.01 21.63 4.64
CA ALA E 191 0.99 20.59 3.61
C ALA E 191 2.40 20.23 3.13
N LEU E 192 3.33 21.20 3.16
CA LEU E 192 4.68 20.93 2.68
C LEU E 192 5.32 19.76 3.40
N ASN E 193 4.95 19.54 4.66
CA ASN E 193 5.56 18.48 5.45
C ASN E 193 5.08 17.09 5.05
N LYS E 194 4.08 16.97 4.18
CA LYS E 194 3.51 15.68 3.80
C LYS E 194 3.64 15.38 2.30
N ILE E 195 4.53 16.08 1.59
CA ILE E 195 4.69 15.84 0.16
C ILE E 195 5.34 14.48 -0.10
N SER E 196 5.00 13.91 -1.26
CA SER E 196 5.50 12.60 -1.67
C SER E 196 6.94 12.70 -2.16
N ASN E 197 7.61 11.55 -2.16
CA ASN E 197 9.01 11.51 -2.62
C ASN E 197 9.14 11.93 -4.07
N ARG E 198 8.14 11.63 -4.90
CA ARG E 198 8.17 12.08 -6.29
C ARG E 198 8.13 13.60 -6.36
N THR E 199 7.31 14.22 -5.51
CA THR E 199 7.26 15.68 -5.46
C THR E 199 8.62 16.24 -5.05
N ALA E 200 9.25 15.63 -4.06
CA ALA E 200 10.58 16.05 -3.65
C ALA E 200 11.56 15.88 -4.80
N ALA E 201 11.40 14.83 -5.61
CA ALA E 201 12.33 14.59 -6.69
C ALA E 201 12.20 15.65 -7.77
N ILE E 202 10.97 16.06 -8.12
CA ILE E 202 10.83 17.11 -9.12
C ILE E 202 11.33 18.45 -8.56
N ILE E 203 11.08 18.72 -7.28
CA ILE E 203 11.67 19.92 -6.68
C ILE E 203 13.19 19.85 -6.75
N SER E 204 13.75 18.67 -6.50
CA SER E 204 15.19 18.50 -6.53
C SER E 204 15.75 18.75 -7.92
N CYS E 205 15.08 18.22 -8.94
CA CYS E 205 15.61 18.41 -10.28
C CYS E 205 15.53 19.87 -10.69
N LEU E 206 14.51 20.60 -10.24
CA LEU E 206 14.47 22.04 -10.53
C LEU E 206 15.59 22.78 -9.80
N LEU E 207 15.89 22.38 -8.56
CA LEU E 207 16.99 23.00 -7.83
C LEU E 207 18.32 22.78 -8.56
N TRP E 208 18.60 21.52 -8.91
CA TRP E 208 19.75 21.25 -9.77
C TRP E 208 19.70 22.08 -11.04
N GLY E 209 18.50 22.26 -11.61
CA GLY E 209 18.39 23.01 -12.85
C GLY E 209 18.91 24.42 -12.71
N ILE E 210 18.49 25.12 -11.68
CA ILE E 210 18.97 26.49 -11.51
C ILE E 210 20.47 26.50 -11.19
N THR E 211 20.92 25.59 -10.32
CA THR E 211 22.35 25.59 -10.00
C THR E 211 23.21 25.30 -11.24
N ILE E 212 22.69 24.49 -12.16
CA ILE E 212 23.40 24.19 -13.39
C ILE E 212 23.36 25.39 -14.34
N GLY E 213 22.15 25.83 -14.68
CA GLY E 213 22.00 26.83 -15.71
C GLY E 213 22.58 28.17 -15.35
N LEU E 214 22.61 28.51 -14.06
CA LEU E 214 23.14 29.82 -13.68
C LEU E 214 24.66 29.90 -13.87
N THR E 215 25.33 28.78 -14.11
CA THR E 215 26.78 28.79 -14.30
C THR E 215 27.24 27.97 -15.51
N VAL E 216 26.30 27.51 -16.36
CA VAL E 216 26.71 26.75 -17.54
C VAL E 216 27.65 27.52 -18.47
N HIS E 217 27.66 28.86 -18.39
CA HIS E 217 28.50 29.65 -19.29
C HIS E 217 29.99 29.33 -19.15
N LEU E 218 30.41 28.80 -18.00
CA LEU E 218 31.82 28.46 -17.83
C LEU E 218 32.27 27.37 -18.78
N LEU E 219 31.34 26.62 -19.37
CA LEU E 219 31.68 25.75 -20.50
C LEU E 219 31.85 26.54 -21.80
N LYS E 220 31.22 27.70 -21.91
CA LYS E 220 31.31 28.48 -23.14
C LYS E 220 32.57 29.35 -23.18
N LYS E 221 33.01 29.85 -22.04
CA LYS E 221 34.13 30.79 -22.01
C LYS E 221 35.43 30.08 -22.36
N LYS E 222 36.34 30.81 -22.97
CA LYS E 222 37.61 30.25 -23.40
C LYS E 222 38.55 30.08 -22.21
N MET E 223 39.31 28.99 -22.24
CA MET E 223 40.37 28.71 -21.28
C MET E 223 41.21 27.57 -21.82
N PRO E 224 42.45 27.44 -21.35
CA PRO E 224 43.18 28.29 -20.39
C PRO E 224 43.64 29.62 -20.99
N ILE E 225 44.11 30.54 -20.15
CA ILE E 225 44.61 31.84 -20.58
C ILE E 225 46.12 31.83 -20.39
N GLN E 226 46.86 32.18 -21.44
CA GLN E 226 48.30 31.96 -21.48
C GLN E 226 49.05 33.28 -21.33
N ASN E 227 50.02 33.30 -20.44
CA ASN E 227 50.95 34.40 -20.31
C ASN E 227 52.20 33.91 -19.61
N GLY E 228 53.34 34.49 -19.98
CA GLY E 228 54.60 34.10 -19.37
C GLY E 228 54.84 32.61 -19.49
N GLY E 229 55.27 32.01 -18.39
CA GLY E 229 55.59 30.59 -18.37
C GLY E 229 54.43 29.71 -17.95
N ALA E 230 53.20 30.24 -18.01
CA ALA E 230 52.05 29.56 -17.43
C ALA E 230 50.87 29.60 -18.39
N ASN E 231 49.93 28.71 -18.15
CA ASN E 231 48.63 28.69 -18.84
C ASN E 231 47.55 28.54 -17.76
N LEU E 232 46.90 29.67 -17.47
CA LEU E 232 46.04 29.80 -16.30
C LEU E 232 44.68 29.17 -16.55
N CYS E 233 44.28 28.24 -15.69
CA CYS E 233 42.91 27.73 -15.66
C CYS E 233 42.26 28.26 -14.39
N SER E 234 41.71 29.47 -14.48
CA SER E 234 41.11 30.12 -13.33
C SER E 234 40.02 31.07 -13.81
N SER E 235 39.06 31.34 -12.93
CA SER E 235 38.07 32.40 -13.13
C SER E 235 38.36 33.62 -12.27
N PHE E 236 38.81 33.43 -11.02
CA PHE E 236 38.97 34.54 -10.08
C PHE E 236 40.26 35.32 -10.28
N SER E 237 40.53 35.80 -11.49
CA SER E 237 41.52 36.84 -11.67
C SER E 237 40.93 38.19 -11.31
N ILE E 238 41.79 39.11 -10.86
CA ILE E 238 41.33 40.46 -10.58
C ILE E 238 41.06 41.17 -11.89
N CYS E 239 39.87 41.76 -12.03
CA CYS E 239 39.67 42.80 -13.02
C CYS E 239 38.28 43.43 -12.99
N HIS E 240 38.19 44.49 -13.80
CA HIS E 240 37.15 45.50 -13.70
C HIS E 240 35.78 44.99 -14.14
N THR E 241 35.74 44.11 -15.12
CA THR E 241 34.46 43.66 -15.68
C THR E 241 33.75 42.78 -14.66
N PHE E 242 32.62 43.26 -14.15
CA PHE E 242 31.77 42.48 -13.23
C PHE E 242 30.93 41.49 -14.03
N GLN E 243 31.58 40.43 -14.49
CA GLN E 243 30.84 39.34 -15.09
C GLN E 243 30.03 38.61 -14.03
N TRP E 244 28.91 38.03 -14.45
CA TRP E 244 27.91 37.51 -13.52
C TRP E 244 28.48 36.51 -12.53
N HIS E 245 29.63 35.91 -12.83
CA HIS E 245 30.26 35.00 -11.89
C HIS E 245 30.51 35.67 -10.53
N GLU E 246 30.88 36.95 -10.53
CA GLU E 246 31.09 37.65 -9.26
C GLU E 246 29.76 37.87 -8.53
N ALA E 247 28.71 38.27 -9.26
CA ALA E 247 27.40 38.44 -8.62
C ALA E 247 26.93 37.12 -8.01
N MET E 248 27.16 36.01 -8.73
CA MET E 248 26.85 34.69 -8.22
C MET E 248 27.58 34.43 -6.92
N PHE E 249 28.90 34.63 -6.92
CA PHE E 249 29.69 34.30 -5.74
C PHE E 249 29.27 35.14 -4.54
N LEU E 250 28.81 36.37 -4.77
CA LEU E 250 28.39 37.24 -3.66
C LEU E 250 26.99 36.86 -3.15
N LEU E 251 26.02 36.76 -4.06
CA LEU E 251 24.66 36.51 -3.61
C LEU E 251 24.49 35.11 -3.07
N GLU E 252 25.24 34.12 -3.59
CA GLU E 252 25.12 32.77 -3.06
C GLU E 252 25.58 32.68 -1.62
N PHE E 253 26.34 33.66 -1.12
CA PHE E 253 26.52 33.78 0.32
C PHE E 253 25.37 34.53 0.96
N PHE E 254 25.14 35.77 0.51
CA PHE E 254 24.28 36.64 1.34
C PHE E 254 22.83 36.19 1.35
N LEU E 255 22.23 35.85 0.21
CA LEU E 255 20.82 35.44 0.25
C LEU E 255 20.65 34.11 0.99
N PRO E 256 21.42 33.06 0.69
CA PRO E 256 21.38 31.87 1.54
C PRO E 256 21.70 32.14 3.00
N LEU E 257 22.58 33.10 3.31
CA LEU E 257 22.79 33.43 4.72
C LEU E 257 21.51 33.96 5.34
N GLY E 258 20.79 34.82 4.62
CA GLY E 258 19.53 35.31 5.14
C GLY E 258 18.56 34.19 5.43
N ILE E 259 18.37 33.28 4.47
CA ILE E 259 17.42 32.19 4.68
C ILE E 259 17.89 31.29 5.81
N ILE E 260 19.18 30.95 5.83
CA ILE E 260 19.72 30.07 6.86
C ILE E 260 19.45 30.65 8.25
N LEU E 261 19.79 31.93 8.44
CA LEU E 261 19.66 32.50 9.79
C LEU E 261 18.20 32.71 10.17
N PHE E 262 17.35 33.15 9.23
CA PHE E 262 15.94 33.28 9.55
C PHE E 262 15.36 31.94 9.99
N CYS E 263 15.58 30.90 9.20
CA CYS E 263 15.00 29.59 9.52
C CYS E 263 15.54 29.06 10.84
N SER E 264 16.85 29.18 11.06
CA SER E 264 17.42 28.68 12.30
C SER E 264 16.87 29.43 13.50
N ALA E 265 16.75 30.75 13.39
CA ALA E 265 16.25 31.54 14.49
C ALA E 265 14.81 31.16 14.84
N ARG E 266 13.97 31.00 13.81
CA ARG E 266 12.58 30.65 14.13
C ARG E 266 12.45 29.22 14.64
N ILE E 267 13.27 28.28 14.18
CA ILE E 267 13.21 26.94 14.76
C ILE E 267 13.60 26.99 16.23
N ILE E 268 14.71 27.67 16.53
CA ILE E 268 15.16 27.79 17.91
C ILE E 268 14.08 28.42 18.77
N TRP E 269 13.49 29.52 18.29
CA TRP E 269 12.47 30.22 19.06
C TRP E 269 11.23 29.37 19.28
N SER E 270 10.79 28.63 18.27
CA SER E 270 9.58 27.84 18.44
C SER E 270 9.81 26.72 19.43
N LEU E 271 10.99 26.11 19.41
CA LEU E 271 11.27 25.10 20.44
C LEU E 271 11.44 25.72 21.81
N ARG E 272 11.92 26.96 21.90
CA ARG E 272 12.02 27.64 23.19
C ARG E 272 10.65 27.95 23.77
N GLN E 273 9.84 28.73 23.04
CA GLN E 273 8.56 29.19 23.60
C GLN E 273 7.61 28.05 23.87
N ARG E 274 7.82 26.89 23.24
CA ARG E 274 7.02 25.70 23.49
C ARG E 274 7.38 25.01 24.80
N GLN E 275 8.42 25.50 25.49
CA GLN E 275 8.86 24.96 26.79
C GLN E 275 9.17 23.47 26.74
N MET E 276 9.44 22.92 25.56
CA MET E 276 10.02 21.59 25.44
C MET E 276 11.52 21.63 25.15
N ASP E 277 12.13 22.81 25.23
CA ASP E 277 13.59 22.94 25.14
C ASP E 277 14.30 22.23 26.29
N ARG E 278 13.56 21.79 27.32
CA ARG E 278 14.19 21.21 28.49
C ARG E 278 14.75 19.82 28.22
N HIS E 279 14.20 19.10 27.25
CA HIS E 279 14.56 17.70 27.04
C HIS E 279 15.93 17.56 26.39
N ALA E 280 16.63 16.48 26.72
CA ALA E 280 18.00 16.30 26.24
C ALA E 280 18.07 16.22 24.73
N LYS E 281 17.16 15.46 24.11
CA LYS E 281 17.20 15.33 22.66
C LYS E 281 16.73 16.61 21.96
N ILE E 282 15.86 17.40 22.60
CA ILE E 282 15.54 18.71 22.05
C ILE E 282 16.71 19.67 22.21
N LYS E 283 17.48 19.55 23.30
CA LYS E 283 18.71 20.31 23.40
C LYS E 283 19.67 19.93 22.28
N ARG E 284 19.73 18.63 21.96
CA ARG E 284 20.50 18.16 20.81
C ARG E 284 20.08 18.88 19.54
N ALA E 285 18.76 18.90 19.28
CA ALA E 285 18.25 19.52 18.06
C ALA E 285 18.62 20.99 18.01
N ILE E 286 18.43 21.69 19.13
CA ILE E 286 18.71 23.13 19.20
C ILE E 286 20.16 23.41 18.86
N THR E 287 21.08 22.70 19.52
CA THR E 287 22.49 22.97 19.30
C THR E 287 22.89 22.66 17.87
N PHE E 288 22.36 21.57 17.31
CA PHE E 288 22.76 21.24 15.95
C PHE E 288 22.21 22.24 14.93
N ILE E 289 20.98 22.73 15.15
CA ILE E 289 20.48 23.80 14.31
C ILE E 289 21.47 24.95 14.29
N MET E 290 22.01 25.31 15.46
CA MET E 290 22.88 26.48 15.45
C MET E 290 24.26 26.18 14.86
N VAL E 291 24.81 24.99 15.09
CA VAL E 291 26.16 24.74 14.58
C VAL E 291 26.16 24.66 13.06
N VAL E 292 25.07 24.21 12.44
CA VAL E 292 25.08 24.22 10.98
C VAL E 292 25.25 25.65 10.46
N ALA E 293 24.53 26.61 11.06
CA ALA E 293 24.65 28.00 10.63
C ALA E 293 26.06 28.52 10.86
N ILE E 294 26.64 28.23 12.03
CA ILE E 294 27.99 28.72 12.31
C ILE E 294 29.00 28.13 11.33
N VAL E 295 28.85 26.85 10.98
CA VAL E 295 29.75 26.25 10.02
C VAL E 295 29.63 26.94 8.66
N PHE E 296 28.40 27.21 8.23
CA PHE E 296 28.21 27.94 6.98
C PHE E 296 28.95 29.28 7.00
N VAL E 297 28.78 30.03 8.10
CA VAL E 297 29.40 31.35 8.18
C VAL E 297 30.92 31.23 8.13
N ILE E 298 31.51 30.37 8.98
CA ILE E 298 32.97 30.33 8.99
C ILE E 298 33.52 29.80 7.69
N CYS E 299 32.76 28.96 6.96
CA CYS E 299 33.31 28.44 5.71
C CYS E 299 33.26 29.47 4.61
N PHE E 300 32.20 30.28 4.51
CA PHE E 300 32.06 31.18 3.37
C PHE E 300 32.45 32.64 3.64
N LEU E 301 32.20 33.18 4.83
CA LEU E 301 32.40 34.61 5.04
C LEU E 301 33.84 35.07 4.77
N PRO E 302 34.89 34.38 5.21
CA PRO E 302 36.24 34.90 4.97
C PRO E 302 36.59 35.05 3.50
N SER E 303 35.97 34.27 2.62
CA SER E 303 36.22 34.42 1.19
C SER E 303 35.48 35.62 0.60
N VAL E 304 34.23 35.80 1.00
CA VAL E 304 33.44 36.90 0.42
C VAL E 304 33.98 38.24 0.89
N VAL E 305 34.46 38.31 2.14
CA VAL E 305 35.00 39.59 2.58
C VAL E 305 36.26 39.94 1.79
N VAL E 306 37.05 38.94 1.42
CA VAL E 306 38.24 39.22 0.62
C VAL E 306 37.85 39.64 -0.80
N ARG E 307 36.82 39.03 -1.39
CA ARG E 307 36.37 39.54 -2.69
C ARG E 307 35.88 40.97 -2.57
N ILE E 308 35.18 41.30 -1.48
CA ILE E 308 34.79 42.69 -1.25
C ILE E 308 36.01 43.60 -1.17
N ARG E 309 37.07 43.13 -0.51
CA ARG E 309 38.27 43.96 -0.43
C ARG E 309 38.91 44.12 -1.80
N ILE E 310 38.94 43.07 -2.61
CA ILE E 310 39.44 43.19 -3.98
C ILE E 310 38.65 44.25 -4.73
N PHE E 311 37.33 44.23 -4.65
CA PHE E 311 36.55 45.25 -5.35
C PHE E 311 36.75 46.65 -4.74
N TRP E 312 36.95 46.75 -3.43
CA TRP E 312 37.23 48.04 -2.82
C TRP E 312 38.54 48.62 -3.34
N LEU E 313 39.60 47.79 -3.37
CA LEU E 313 40.87 48.24 -3.92
C LEU E 313 40.76 48.59 -5.40
N LEU E 314 39.98 47.83 -6.16
CA LEU E 314 39.82 48.16 -7.58
C LEU E 314 39.07 49.47 -7.75
N HIS E 315 38.03 49.69 -6.92
CA HIS E 315 37.29 50.95 -6.98
C HIS E 315 38.17 52.13 -6.60
N THR E 316 38.96 52.01 -5.54
CA THR E 316 39.68 53.15 -5.02
C THR E 316 41.03 53.39 -5.69
N SER E 317 41.64 52.35 -6.26
CA SER E 317 43.01 52.46 -6.76
C SER E 317 43.23 51.86 -8.14
N GLY E 318 42.28 51.11 -8.71
CA GLY E 318 42.46 50.55 -10.03
C GLY E 318 43.52 49.46 -10.09
N THR E 319 43.83 49.07 -11.32
CA THR E 319 44.85 48.08 -11.62
C THR E 319 46.18 48.69 -12.02
N GLN E 320 46.30 50.03 -11.98
CA GLN E 320 47.51 50.67 -12.45
C GLN E 320 48.74 50.35 -11.59
N ASN E 321 48.56 49.86 -10.36
CA ASN E 321 49.67 49.35 -9.57
C ASN E 321 49.24 48.00 -8.99
N CYS E 322 49.44 46.93 -9.75
CA CYS E 322 48.91 45.62 -9.36
C CYS E 322 49.72 44.93 -8.27
N GLU E 323 50.93 45.42 -7.96
CA GLU E 323 51.65 44.85 -6.83
C GLU E 323 50.95 45.09 -5.52
N VAL E 324 49.95 45.98 -5.49
CA VAL E 324 49.11 46.14 -4.31
C VAL E 324 48.39 44.84 -3.98
N TYR E 325 48.08 44.03 -4.99
CA TYR E 325 47.11 42.94 -4.84
C TYR E 325 47.72 41.58 -4.53
N ARG E 326 49.04 41.45 -4.50
CA ARG E 326 49.64 40.12 -4.44
C ARG E 326 49.17 39.37 -3.20
N SER E 327 49.43 39.93 -2.02
CA SER E 327 49.19 39.18 -0.79
C SER E 327 47.70 38.95 -0.58
N VAL E 328 46.87 39.91 -0.95
CA VAL E 328 45.44 39.73 -0.77
C VAL E 328 44.88 38.74 -1.79
N ASP E 329 45.50 38.60 -2.97
CA ASP E 329 45.09 37.54 -3.87
C ASP E 329 45.46 36.17 -3.33
N LEU E 330 46.69 36.04 -2.79
CA LEU E 330 47.06 34.81 -2.09
C LEU E 330 46.05 34.50 -1.00
N ALA E 331 45.70 35.52 -0.20
CA ALA E 331 44.71 35.31 0.83
C ALA E 331 43.38 34.88 0.25
N PHE E 332 42.96 35.45 -0.88
CA PHE E 332 41.71 35.02 -1.48
C PHE E 332 41.71 33.52 -1.74
N PHE E 333 42.75 33.01 -2.40
CA PHE E 333 42.70 31.58 -2.70
C PHE E 333 42.82 30.74 -1.42
N ILE E 334 43.61 31.19 -0.45
CA ILE E 334 43.65 30.54 0.86
C ILE E 334 42.25 30.41 1.45
N THR E 335 41.51 31.53 1.51
CA THR E 335 40.16 31.49 2.09
C THR E 335 39.17 30.79 1.17
N LEU E 336 39.40 30.81 -0.14
CA LEU E 336 38.54 30.05 -1.05
C LEU E 336 38.57 28.58 -0.71
N SER E 337 39.70 28.11 -0.19
CA SER E 337 39.71 26.73 0.30
C SER E 337 38.71 26.51 1.44
N PHE E 338 38.34 27.59 2.11
CA PHE E 338 37.29 27.38 3.15
C PHE E 338 36.04 26.87 2.42
N THR E 339 35.67 27.51 1.32
CA THR E 339 34.45 27.09 0.64
C THR E 339 34.46 25.60 0.33
N TYR E 340 35.65 25.01 0.20
CA TYR E 340 35.75 23.56 0.15
C TYR E 340 35.59 22.96 1.54
N MET E 341 36.04 23.67 2.58
CA MET E 341 35.82 23.17 3.93
C MET E 341 34.33 22.96 4.21
N ASN E 342 33.48 23.83 3.68
CA ASN E 342 32.04 23.59 3.88
C ASN E 342 31.65 22.20 3.40
N SER E 343 32.31 21.70 2.36
CA SER E 343 32.05 20.33 1.90
C SER E 343 32.75 19.31 2.78
N MET E 344 33.97 19.60 3.23
CA MET E 344 34.68 18.66 4.08
C MET E 344 34.01 18.50 5.43
N LEU E 345 33.34 19.56 5.92
CA LEU E 345 32.64 19.55 7.20
C LEU E 345 31.19 19.10 7.08
N ASP E 346 30.81 18.49 5.97
CA ASP E 346 29.45 18.00 5.77
C ASP E 346 29.01 16.91 6.74
N PRO E 347 29.91 16.17 7.40
CA PRO E 347 29.41 15.16 8.36
C PRO E 347 28.49 15.74 9.41
N VAL E 348 28.60 17.04 9.70
CA VAL E 348 27.73 17.67 10.69
C VAL E 348 26.27 17.47 10.32
N VAL E 349 25.95 17.42 9.02
CA VAL E 349 24.55 17.34 8.62
C VAL E 349 24.00 15.93 8.64
N TYR E 350 24.87 14.91 8.80
CA TYR E 350 24.35 13.51 8.75
C TYR E 350 24.87 12.61 9.88
N TYR E 351 26.09 12.79 10.40
CA TYR E 351 26.61 11.82 11.35
C TYR E 351 26.31 12.21 12.80
N PHE E 352 26.60 13.45 13.18
CA PHE E 352 26.57 13.80 14.59
C PHE E 352 25.15 13.83 15.14
N SER E 353 24.16 14.04 14.28
CA SER E 353 22.77 13.96 14.67
C SER E 353 22.22 12.57 14.34
N SER E 354 20.93 12.39 14.58
CA SER E 354 20.20 11.17 14.28
C SER E 354 20.61 10.01 15.18
N PRO E 355 19.75 8.99 15.33
CA PRO E 355 20.19 7.74 15.95
C PRO E 355 20.88 6.82 14.95
N SER E 356 20.51 6.95 13.67
CA SER E 356 20.96 6.01 12.66
C SER E 356 22.47 6.08 12.45
N PHE E 357 23.03 7.26 12.42
CA PHE E 357 24.43 7.31 12.05
C PHE E 357 25.36 6.84 13.15
N PRO E 358 25.07 7.11 14.44
CA PRO E 358 25.86 6.53 15.53
C PRO E 358 25.61 5.01 15.59
N ASN E 359 24.42 4.55 15.21
CA ASN E 359 24.13 3.13 15.22
C ASN E 359 24.95 2.40 14.16
N PHE E 360 25.06 3.03 12.98
CA PHE E 360 25.88 2.42 11.92
C PHE E 360 27.36 2.53 12.32
#